data_3ZHY
#
_entry.id   3ZHY
#
_cell.length_a   111.740
_cell.length_b   111.740
_cell.length_c   136.450
_cell.angle_alpha   90.00
_cell.angle_beta   90.00
_cell.angle_gamma   90.00
#
_symmetry.space_group_name_H-M   'P 43 21 2'
#
loop_
_entity.id
_entity.type
_entity.pdbx_description
1 polymer '1-DEOXY-D-XYLULOSE 5-PHOSPHATE REDUCTOISOMERASE'
2 non-polymer 'MANGANESE (II) ION'
3 non-polymer '[(1S)-1-(3,4-dichlorophenyl)-3-[oxidanyl(phenylcarbonyl)amino]propyl]phosphonic acid'
4 non-polymer 'NADPH DIHYDRO-NICOTINAMIDE-ADENINE-DINUCLEOTIDE PHOSPHATE'
5 water water
#
_entity_poly.entity_id   1
_entity_poly.type   'polypeptide(L)'
_entity_poly.pdbx_seq_one_letter_code
;MAHHHHHHVTNSTDGRADGRLRVVVLGSTGSIGTQALQVIADNPDRFEVVGLAAGGAHLDTLLRQRAQTGVTNIAVADEH
AAQRVGDIPYHGSDAATRLVEQTEADVVLNALVGALGLRPTLAALKTGARLALANKESLVAGGSLVLRAARPGQIVPVDS
EHSALAQCLRGGTPDEVAKLVLTASGGPFRGWSAADLEHVTPEQAGAHPTWSMGPMNTLNSASLVNKGLEVIETHLLFGI
PYDRIDVVVHPQSIIHSMVTFIDGSTIAQASPPDMKLPISLALGWPRRVSGAAAACDFHTASSWEFEPLDTDVFPAVELA
RQAGVAGGCMTAVYNAANEEAAAAFLAGRIGFPAIVGIIADVLHAADQWAVEPATVDDVLDAQRWARERAQRAVSGM
;
_entity_poly.pdbx_strand_id   A,B
#
loop_
_chem_comp.id
_chem_comp.type
_chem_comp.name
_chem_comp.formula
FM6 non-polymer '[(1S)-1-(3,4-dichlorophenyl)-3-[oxidanyl(phenylcarbonyl)amino]propyl]phosphonic acid' 'C16 H16 Cl2 N O5 P'
MN non-polymer 'MANGANESE (II) ION' 'Mn 2'
NDP non-polymer 'NADPH DIHYDRO-NICOTINAMIDE-ADENINE-DINUCLEOTIDE PHOSPHATE' 'C21 H30 N7 O17 P3'
#
# COMPACT_ATOMS: atom_id res chain seq x y z
N GLY A 19 24.76 13.71 -12.34
CA GLY A 19 23.60 12.91 -11.81
C GLY A 19 23.00 11.93 -12.81
N ARG A 20 23.72 11.73 -13.91
CA ARG A 20 23.30 10.86 -15.02
C ARG A 20 23.84 9.45 -14.84
N LEU A 21 22.96 8.44 -14.75
CA LEU A 21 23.42 7.10 -14.36
C LEU A 21 23.75 6.26 -15.58
N ARG A 22 24.91 5.60 -15.51
CA ARG A 22 25.42 4.76 -16.60
C ARG A 22 24.91 3.36 -16.42
N VAL A 23 24.29 2.83 -17.47
CA VAL A 23 23.57 1.56 -17.40
C VAL A 23 24.07 0.51 -18.40
N VAL A 24 24.52 -0.64 -17.90
CA VAL A 24 24.72 -1.81 -18.75
C VAL A 24 23.42 -2.62 -18.74
N VAL A 25 22.89 -2.90 -19.93
CA VAL A 25 21.68 -3.72 -20.04
C VAL A 25 22.07 -5.09 -20.61
N LEU A 26 21.96 -6.13 -19.78
CA LEU A 26 22.20 -7.53 -20.22
C LEU A 26 20.85 -8.15 -20.57
N GLY A 27 20.75 -8.71 -21.78
CA GLY A 27 19.46 -9.17 -22.31
C GLY A 27 18.70 -8.04 -22.96
N SER A 28 19.41 -7.17 -23.68
CA SER A 28 18.80 -5.91 -24.14
C SER A 28 17.69 -6.12 -25.16
N THR A 29 17.81 -7.20 -25.93
CA THR A 29 16.87 -7.47 -27.04
C THR A 29 15.58 -8.14 -26.57
N GLY A 30 15.60 -8.66 -25.35
CA GLY A 30 14.40 -9.27 -24.77
C GLY A 30 13.32 -8.28 -24.37
N SER A 31 12.27 -8.83 -23.76
CA SER A 31 11.11 -8.08 -23.34
C SER A 31 11.44 -7.05 -22.24
N ILE A 32 12.15 -7.47 -21.20
CA ILE A 32 12.60 -6.51 -20.15
C ILE A 32 13.62 -5.50 -20.69
N GLY A 33 14.56 -5.97 -21.50
CA GLY A 33 15.65 -5.12 -21.98
C GLY A 33 15.15 -3.99 -22.87
N THR A 34 14.26 -4.35 -23.79
CA THR A 34 13.58 -3.40 -24.67
C THR A 34 12.85 -2.35 -23.86
N GLN A 35 12.09 -2.81 -22.87
CA GLN A 35 11.32 -1.89 -22.04
C GLN A 35 12.21 -0.95 -21.27
N ALA A 36 13.30 -1.50 -20.74
CA ALA A 36 14.34 -0.74 -20.11
C ALA A 36 14.94 0.31 -21.05
N LEU A 37 15.29 -0.10 -22.28
CA LEU A 37 15.81 0.88 -23.26
C LEU A 37 14.81 2.02 -23.52
N GLN A 38 13.52 1.72 -23.56
CA GLN A 38 12.48 2.76 -23.70
C GLN A 38 12.43 3.70 -22.51
N VAL A 39 12.46 3.14 -21.30
CA VAL A 39 12.50 4.01 -20.13
C VAL A 39 13.73 4.91 -20.20
N ILE A 40 14.88 4.32 -20.58
CA ILE A 40 16.12 5.10 -20.68
C ILE A 40 16.02 6.20 -21.77
N ALA A 41 15.49 5.85 -22.95
CA ALA A 41 15.34 6.82 -24.03
C ALA A 41 14.36 7.94 -23.68
N ASP A 42 13.37 7.62 -22.84
CA ASP A 42 12.41 8.61 -22.36
C ASP A 42 13.03 9.49 -21.29
N ASN A 43 14.13 9.05 -20.69
CA ASN A 43 14.71 9.78 -19.57
C ASN A 43 16.22 10.06 -19.70
N PRO A 44 16.64 10.70 -20.81
CA PRO A 44 18.09 10.88 -21.05
C PRO A 44 18.82 11.73 -20.01
N ASP A 45 18.10 12.62 -19.33
CA ASP A 45 18.65 13.38 -18.22
C ASP A 45 19.03 12.50 -17.04
N ARG A 46 18.34 11.36 -16.89
CA ARG A 46 18.54 10.50 -15.73
C ARG A 46 19.47 9.32 -16.00
N PHE A 47 19.39 8.74 -17.20
CA PHE A 47 20.08 7.50 -17.50
C PHE A 47 20.79 7.53 -18.83
N GLU A 48 21.87 6.76 -18.93
CA GLU A 48 22.57 6.55 -20.20
C GLU A 48 22.92 5.07 -20.35
N VAL A 49 22.53 4.47 -21.47
CA VAL A 49 23.00 3.12 -21.79
C VAL A 49 24.49 3.17 -22.17
N VAL A 50 25.29 2.33 -21.54
CA VAL A 50 26.70 2.26 -21.89
C VAL A 50 27.16 0.87 -22.34
N GLY A 51 26.24 -0.09 -22.38
CA GLY A 51 26.59 -1.47 -22.74
C GLY A 51 25.36 -2.31 -22.99
N LEU A 52 25.51 -3.26 -23.91
CA LEU A 52 24.41 -4.14 -24.26
C LEU A 52 24.93 -5.57 -24.40
N ALA A 53 24.13 -6.54 -23.94
CA ALA A 53 24.44 -7.94 -24.15
C ALA A 53 23.22 -8.68 -24.64
N ALA A 54 23.44 -9.55 -25.63
CA ALA A 54 22.36 -10.36 -26.21
C ALA A 54 22.88 -11.74 -26.63
N GLY A 55 21.96 -12.65 -26.96
CA GLY A 55 22.35 -14.01 -27.37
C GLY A 55 22.81 -14.10 -28.82
N GLY A 56 22.18 -13.31 -29.67
CA GLY A 56 22.49 -13.34 -31.09
C GLY A 56 21.37 -13.85 -31.98
N ALA A 57 20.23 -14.20 -31.38
CA ALA A 57 19.06 -14.71 -32.13
C ALA A 57 18.24 -13.59 -32.75
N HIS A 58 18.39 -12.36 -32.25
CA HIS A 58 17.60 -11.24 -32.79
C HIS A 58 18.48 -10.10 -33.29
N LEU A 59 19.02 -10.32 -34.48
CA LEU A 59 20.04 -9.45 -35.04
C LEU A 59 19.52 -8.09 -35.54
N ASP A 60 18.32 -8.07 -36.09
CA ASP A 60 17.67 -6.83 -36.52
C ASP A 60 17.46 -5.90 -35.32
N THR A 61 16.88 -6.44 -34.26
CA THR A 61 16.68 -5.74 -33.00
C THR A 61 18.00 -5.18 -32.45
N LEU A 62 19.01 -6.02 -32.36
CA LEU A 62 20.29 -5.59 -31.86
C LEU A 62 20.88 -4.47 -32.69
N LEU A 63 20.77 -4.57 -34.03
CA LEU A 63 21.28 -3.53 -34.94
C LEU A 63 20.62 -2.22 -34.63
N ARG A 64 19.30 -2.29 -34.48
CA ARG A 64 18.49 -1.12 -34.24
C ARG A 64 18.86 -0.49 -32.88
N GLN A 65 19.13 -1.30 -31.87
CA GLN A 65 19.53 -0.77 -30.56
C GLN A 65 20.91 -0.09 -30.61
N ARG A 66 21.85 -0.71 -31.33
CA ARG A 66 23.18 -0.13 -31.53
C ARG A 66 23.05 1.27 -32.13
N ALA A 67 22.24 1.38 -33.17
CA ALA A 67 22.01 2.67 -33.85
C ALA A 67 21.30 3.73 -33.01
N GLN A 68 20.31 3.32 -32.21
CA GLN A 68 19.51 4.25 -31.42
C GLN A 68 20.21 4.81 -30.19
N THR A 69 21.05 3.97 -29.55
CA THR A 69 21.72 4.33 -28.31
C THR A 69 23.12 4.84 -28.60
N GLY A 70 23.68 4.43 -29.74
CA GLY A 70 25.03 4.83 -30.15
C GLY A 70 26.09 3.99 -29.47
N VAL A 71 25.70 2.86 -28.88
CA VAL A 71 26.66 2.09 -28.10
C VAL A 71 27.20 0.96 -28.95
N THR A 72 28.52 0.82 -28.98
CA THR A 72 29.17 -0.33 -29.65
C THR A 72 29.82 -1.28 -28.67
N ASN A 73 29.82 -0.91 -27.38
CA ASN A 73 30.24 -1.80 -26.33
C ASN A 73 29.14 -2.85 -26.16
N ILE A 74 29.24 -3.90 -26.97
CA ILE A 74 28.21 -4.94 -27.05
C ILE A 74 28.83 -6.33 -26.91
N ALA A 75 28.14 -7.19 -26.15
CA ALA A 75 28.46 -8.61 -26.09
C ALA A 75 27.40 -9.43 -26.83
N VAL A 76 27.85 -10.42 -27.62
CA VAL A 76 26.94 -11.35 -28.31
C VAL A 76 27.41 -12.76 -27.96
N ALA A 77 26.53 -13.58 -27.39
CA ALA A 77 26.95 -14.95 -27.00
C ALA A 77 27.33 -15.82 -28.22
N ASP A 78 26.51 -15.81 -29.27
CA ASP A 78 26.79 -16.59 -30.48
C ASP A 78 27.84 -15.95 -31.39
N GLU A 79 28.99 -16.62 -31.49
CA GLU A 79 30.13 -16.15 -32.28
C GLU A 79 29.77 -15.89 -33.75
N HIS A 80 29.01 -16.80 -34.33
CA HIS A 80 28.60 -16.67 -35.74
C HIS A 80 27.68 -15.47 -35.91
N ALA A 81 26.80 -15.26 -34.95
CA ALA A 81 25.93 -14.11 -35.01
C ALA A 81 26.75 -12.81 -34.84
N ALA A 82 27.78 -12.86 -33.99
CA ALA A 82 28.61 -11.68 -33.74
C ALA A 82 29.35 -11.29 -35.02
N GLN A 83 29.78 -12.30 -35.77
CA GLN A 83 30.43 -12.07 -37.07
C GLN A 83 29.47 -11.42 -38.06
N ARG A 84 28.21 -11.86 -38.09
CA ARG A 84 27.19 -11.28 -38.99
C ARG A 84 26.87 -9.83 -38.67
N VAL A 85 26.60 -9.50 -37.39
CA VAL A 85 26.34 -8.09 -37.04
C VAL A 85 27.59 -7.22 -37.24
N GLY A 86 28.76 -7.76 -36.93
CA GLY A 86 30.02 -7.03 -37.17
C GLY A 86 30.27 -5.98 -36.09
N ASP A 87 31.55 -5.67 -35.87
CA ASP A 87 31.97 -4.62 -34.92
C ASP A 87 31.70 -5.04 -33.45
N ILE A 88 31.69 -6.34 -33.19
CA ILE A 88 31.40 -6.82 -31.86
C ILE A 88 32.67 -7.03 -31.06
N PRO A 89 32.83 -6.30 -29.93
CA PRO A 89 34.03 -6.48 -29.10
C PRO A 89 34.08 -7.76 -28.29
N TYR A 90 32.94 -8.32 -27.88
CA TYR A 90 32.93 -9.52 -27.01
C TYR A 90 31.97 -10.60 -27.54
N HIS A 91 32.48 -11.79 -27.82
CA HIS A 91 31.61 -12.90 -28.20
C HIS A 91 31.98 -14.17 -27.48
N GLY A 92 31.06 -15.14 -27.46
CA GLY A 92 31.28 -16.39 -26.71
C GLY A 92 30.42 -16.41 -25.47
N SER A 93 30.38 -17.53 -24.76
CA SER A 93 29.48 -17.66 -23.61
C SER A 93 29.91 -16.82 -22.44
N ASP A 94 31.17 -16.41 -22.41
CA ASP A 94 31.66 -15.58 -21.32
C ASP A 94 31.55 -14.06 -21.65
N ALA A 95 31.02 -13.73 -22.81
CA ALA A 95 31.00 -12.35 -23.31
C ALA A 95 30.27 -11.36 -22.40
N ALA A 96 29.12 -11.77 -21.87
CA ALA A 96 28.33 -10.88 -21.06
C ALA A 96 29.09 -10.57 -19.78
N THR A 97 29.72 -11.61 -19.23
CA THR A 97 30.53 -11.46 -18.03
C THR A 97 31.69 -10.49 -18.31
N ARG A 98 32.30 -10.64 -19.47
CA ARG A 98 33.47 -9.88 -19.84
C ARG A 98 33.13 -8.38 -19.97
N LEU A 99 31.96 -8.10 -20.53
CA LEU A 99 31.43 -6.76 -20.72
C LEU A 99 31.24 -6.08 -19.36
N VAL A 100 30.68 -6.83 -18.42
CA VAL A 100 30.44 -6.28 -17.11
C VAL A 100 31.75 -5.89 -16.45
N GLU A 101 32.73 -6.80 -16.53
CA GLU A 101 34.02 -6.61 -15.89
C GLU A 101 34.81 -5.45 -16.55
N GLN A 102 34.46 -5.09 -17.77
CA GLN A 102 35.26 -4.16 -18.55
C GLN A 102 34.48 -2.91 -18.93
N THR A 103 33.37 -2.64 -18.25
CA THR A 103 32.61 -1.43 -18.47
C THR A 103 32.39 -0.68 -17.15
N GLU A 104 32.78 0.59 -17.12
CA GLU A 104 32.50 1.48 -15.99
C GLU A 104 31.02 1.74 -16.02
N ALA A 105 30.33 1.47 -14.91
CA ALA A 105 28.89 1.74 -14.85
C ALA A 105 28.39 1.93 -13.42
N ASP A 106 27.26 2.60 -13.28
CA ASP A 106 26.60 2.78 -11.99
C ASP A 106 25.53 1.70 -11.78
N VAL A 107 24.93 1.21 -12.87
CA VAL A 107 23.90 0.20 -12.78
C VAL A 107 24.08 -0.88 -13.84
N VAL A 108 24.04 -2.13 -13.41
CA VAL A 108 23.94 -3.26 -14.34
C VAL A 108 22.54 -3.84 -14.22
N LEU A 109 21.84 -3.86 -15.35
CA LEU A 109 20.51 -4.42 -15.37
C LEU A 109 20.69 -5.79 -15.96
N ASN A 110 20.55 -6.80 -15.12
CA ASN A 110 20.66 -8.15 -15.59
C ASN A 110 19.28 -8.67 -15.97
N ALA A 111 18.99 -8.64 -17.26
CA ALA A 111 17.72 -9.18 -17.79
C ALA A 111 17.97 -10.41 -18.64
N LEU A 112 19.03 -11.14 -18.33
CA LEU A 112 19.25 -12.43 -18.96
C LEU A 112 18.19 -13.41 -18.48
N VAL A 113 18.09 -14.56 -19.14
CA VAL A 113 17.14 -15.59 -18.74
C VAL A 113 17.90 -16.83 -18.26
N GLY A 114 17.54 -17.29 -17.05
CA GLY A 114 18.06 -18.53 -16.51
C GLY A 114 19.33 -18.39 -15.67
N ALA A 115 19.84 -19.53 -15.24
CA ALA A 115 21.01 -19.56 -14.37
C ALA A 115 22.29 -19.11 -15.08
N LEU A 116 22.31 -19.10 -16.41
CA LEU A 116 23.46 -18.53 -17.14
C LEU A 116 23.72 -17.03 -16.79
N GLY A 117 22.75 -16.38 -16.14
CA GLY A 117 22.91 -15.02 -15.62
C GLY A 117 23.84 -14.91 -14.42
N LEU A 118 24.28 -16.07 -13.92
CA LEU A 118 24.93 -16.16 -12.64
C LEU A 118 26.29 -15.46 -12.62
N ARG A 119 27.17 -15.79 -13.56
CA ARG A 119 28.51 -15.17 -13.57
C ARG A 119 28.42 -13.66 -13.84
N PRO A 120 27.55 -13.23 -14.78
CA PRO A 120 27.39 -11.79 -14.94
C PRO A 120 26.90 -11.16 -13.65
N THR A 121 26.10 -11.89 -12.89
CA THR A 121 25.54 -11.31 -11.69
C THR A 121 26.67 -11.06 -10.71
N LEU A 122 27.51 -12.08 -10.54
CA LEU A 122 28.63 -12.02 -9.61
C LEU A 122 29.68 -10.97 -10.01
N ALA A 123 29.98 -10.87 -11.30
CA ALA A 123 30.91 -9.85 -11.82
C ALA A 123 30.34 -8.50 -11.56
N ALA A 124 29.03 -8.35 -11.76
CA ALA A 124 28.36 -7.07 -11.53
C ALA A 124 28.48 -6.62 -10.06
N LEU A 125 28.24 -7.52 -9.13
CA LEU A 125 28.35 -7.15 -7.71
C LEU A 125 29.81 -6.78 -7.41
N LYS A 126 30.74 -7.54 -7.97
CA LYS A 126 32.14 -7.27 -7.74
C LYS A 126 32.58 -5.86 -8.24
N THR A 127 31.97 -5.35 -9.32
CA THR A 127 32.27 -3.98 -9.73
C THR A 127 31.78 -2.91 -8.73
N GLY A 128 30.92 -3.30 -7.79
CA GLY A 128 30.38 -2.32 -6.83
C GLY A 128 29.21 -1.50 -7.40
N ALA A 129 28.89 -1.70 -8.69
CA ALA A 129 27.66 -1.15 -9.26
C ALA A 129 26.39 -1.71 -8.59
N ARG A 130 25.32 -0.94 -8.66
CA ARG A 130 24.02 -1.43 -8.28
C ARG A 130 23.62 -2.53 -9.26
N LEU A 131 23.04 -3.62 -8.74
CA LEU A 131 22.51 -4.65 -9.60
C LEU A 131 20.99 -4.60 -9.63
N ALA A 132 20.46 -4.22 -10.77
CA ALA A 132 19.04 -4.15 -10.94
C ALA A 132 18.68 -5.51 -11.53
N LEU A 133 18.11 -6.35 -10.67
CA LEU A 133 18.02 -7.78 -10.98
C LEU A 133 16.64 -8.13 -11.51
N ALA A 134 16.60 -8.47 -12.79
CA ALA A 134 15.39 -9.04 -13.39
C ALA A 134 15.56 -10.56 -13.43
N ASN A 135 16.81 -11.02 -13.64
CA ASN A 135 17.18 -12.44 -13.72
C ASN A 135 17.16 -13.12 -12.35
N LYS A 136 15.98 -13.54 -11.93
CA LYS A 136 15.83 -14.06 -10.57
C LYS A 136 16.59 -15.38 -10.40
N GLU A 137 16.77 -16.14 -11.48
CA GLU A 137 17.44 -17.46 -11.40
C GLU A 137 18.90 -17.41 -10.92
N SER A 138 19.59 -16.29 -11.14
CA SER A 138 20.99 -16.21 -10.69
C SER A 138 21.02 -16.03 -9.18
N LEU A 139 20.03 -15.34 -8.64
CA LEU A 139 19.93 -15.22 -7.18
C LEU A 139 19.39 -16.49 -6.54
N VAL A 140 18.39 -17.08 -7.16
CA VAL A 140 17.89 -18.36 -6.68
C VAL A 140 19.01 -19.41 -6.66
N ALA A 141 19.76 -19.50 -7.74
CA ALA A 141 20.84 -20.47 -7.90
C ALA A 141 22.06 -20.14 -7.04
N GLY A 142 22.56 -18.91 -7.14
CA GLY A 142 23.70 -18.51 -6.32
C GLY A 142 23.42 -18.51 -4.83
N GLY A 143 22.19 -18.18 -4.46
CA GLY A 143 21.81 -18.12 -3.06
C GLY A 143 22.84 -17.33 -2.26
N SER A 144 23.27 -17.91 -1.14
CA SER A 144 24.20 -17.29 -0.20
C SER A 144 25.51 -16.79 -0.84
N LEU A 145 25.98 -17.49 -1.86
CA LEU A 145 27.15 -17.03 -2.61
C LEU A 145 26.91 -15.64 -3.22
N VAL A 146 25.71 -15.41 -3.76
CA VAL A 146 25.37 -14.11 -4.30
C VAL A 146 25.27 -13.07 -3.19
N LEU A 147 24.70 -13.46 -2.04
CA LEU A 147 24.49 -12.54 -0.95
C LEU A 147 25.82 -12.11 -0.32
N ARG A 148 26.76 -13.05 -0.20
CA ARG A 148 28.10 -12.73 0.30
C ARG A 148 28.83 -11.75 -0.62
N ALA A 149 28.57 -11.81 -1.92
CA ALA A 149 29.20 -10.89 -2.87
C ALA A 149 28.55 -9.51 -2.86
N ALA A 150 27.35 -9.38 -2.28
CA ALA A 150 26.61 -8.10 -2.28
C ALA A 150 26.82 -7.25 -1.02
N ARG A 151 26.75 -5.93 -1.19
CA ARG A 151 26.61 -5.01 -0.07
C ARG A 151 25.12 -4.70 0.19
N PRO A 152 24.76 -4.23 1.41
CA PRO A 152 23.36 -3.87 1.62
C PRO A 152 22.87 -2.84 0.60
N GLY A 153 21.70 -3.09 0.02
CA GLY A 153 21.09 -2.14 -0.92
C GLY A 153 21.66 -2.22 -2.33
N GLN A 154 22.67 -3.07 -2.54
CA GLN A 154 23.32 -3.16 -3.85
C GLN A 154 22.43 -3.87 -4.87
N ILE A 155 21.76 -4.94 -4.45
CA ILE A 155 20.80 -5.60 -5.33
C ILE A 155 19.42 -4.92 -5.18
N VAL A 156 18.90 -4.47 -6.31
CA VAL A 156 17.58 -3.85 -6.35
C VAL A 156 16.71 -4.63 -7.32
N PRO A 157 15.53 -5.06 -6.86
CA PRO A 157 14.65 -5.92 -7.65
C PRO A 157 13.97 -5.22 -8.83
N VAL A 158 13.93 -5.90 -9.96
CA VAL A 158 13.16 -5.45 -11.10
C VAL A 158 11.83 -6.21 -11.16
N ASP A 159 11.79 -7.42 -10.58
CA ASP A 159 10.58 -8.26 -10.55
C ASP A 159 9.41 -7.48 -10.00
N SER A 160 8.24 -7.56 -10.64
CA SER A 160 7.11 -6.73 -10.19
C SER A 160 6.72 -6.98 -8.72
N GLU A 161 6.66 -8.25 -8.30
CA GLU A 161 6.31 -8.57 -6.93
C GLU A 161 7.28 -7.98 -5.91
N HIS A 162 8.57 -8.12 -6.18
CA HIS A 162 9.61 -7.71 -5.21
C HIS A 162 9.81 -6.20 -5.17
N SER A 163 9.75 -5.59 -6.35
CA SER A 163 9.63 -4.15 -6.42
C SER A 163 8.52 -3.64 -5.50
N ALA A 164 7.35 -4.27 -5.59
CA ALA A 164 6.21 -3.92 -4.73
C ALA A 164 6.52 -4.09 -3.25
N LEU A 165 7.08 -5.26 -2.90
CA LEU A 165 7.41 -5.52 -1.50
C LEU A 165 8.39 -4.47 -0.98
N ALA A 166 9.36 -4.08 -1.81
CA ALA A 166 10.35 -3.08 -1.38
C ALA A 166 9.66 -1.77 -1.16
N GLN A 167 8.68 -1.44 -2.00
CA GLN A 167 7.88 -0.23 -1.74
C GLN A 167 7.04 -0.31 -0.47
N CYS A 168 6.33 -1.43 -0.28
CA CYS A 168 5.49 -1.64 0.91
C CYS A 168 6.28 -1.69 2.21
N LEU A 169 7.53 -2.13 2.16
CA LEU A 169 8.38 -2.22 3.36
C LEU A 169 8.77 -0.88 3.94
N ARG A 170 8.70 0.18 3.14
CA ARG A 170 8.86 1.54 3.69
C ARG A 170 7.75 1.86 4.70
N GLY A 171 6.70 1.03 4.72
CA GLY A 171 5.57 1.13 5.64
C GLY A 171 5.85 0.80 7.11
N GLY A 172 7.02 0.25 7.41
CA GLY A 172 7.39 -0.06 8.78
C GLY A 172 8.89 -0.19 8.99
N THR A 173 9.23 -0.81 10.11
CA THR A 173 10.60 -1.17 10.47
C THR A 173 10.69 -2.69 10.41
N PRO A 174 11.89 -3.24 10.25
CA PRO A 174 12.04 -4.67 9.99
C PRO A 174 11.27 -5.59 10.94
N ASP A 175 11.20 -5.18 12.21
CA ASP A 175 10.61 -6.03 13.23
C ASP A 175 9.10 -5.82 13.36
N GLU A 176 8.55 -4.94 12.51
CA GLU A 176 7.10 -4.74 12.45
C GLU A 176 6.42 -5.59 11.36
N VAL A 177 7.20 -6.32 10.57
CA VAL A 177 6.66 -7.18 9.54
C VAL A 177 6.17 -8.52 10.12
N ALA A 178 4.89 -8.87 9.88
CA ALA A 178 4.36 -10.21 10.18
C ALA A 178 4.50 -11.13 9.00
N LYS A 179 4.20 -10.62 7.80
CA LYS A 179 4.08 -11.50 6.63
C LYS A 179 4.37 -10.75 5.32
N LEU A 180 5.09 -11.39 4.39
CA LEU A 180 5.18 -10.85 3.02
C LEU A 180 4.25 -11.66 2.13
N VAL A 181 3.38 -10.97 1.40
CA VAL A 181 2.41 -11.69 0.60
C VAL A 181 2.61 -11.41 -0.89
N LEU A 182 3.03 -12.45 -1.61
CA LEU A 182 3.18 -12.38 -3.05
C LEU A 182 1.85 -12.69 -3.74
N THR A 183 1.50 -11.86 -4.72
CA THR A 183 0.37 -12.14 -5.60
C THR A 183 0.83 -12.97 -6.80
N ALA A 184 -0.06 -13.84 -7.27
CA ALA A 184 0.16 -14.70 -8.41
C ALA A 184 -1.01 -14.45 -9.38
N SER A 185 -0.70 -14.35 -10.68
CA SER A 185 -1.78 -14.30 -11.68
C SER A 185 -2.60 -15.60 -11.69
N GLY A 186 -1.90 -16.73 -11.51
CA GLY A 186 -2.55 -18.04 -11.58
C GLY A 186 -2.34 -18.67 -12.94
N GLY A 187 -1.89 -17.87 -13.91
CA GLY A 187 -1.55 -18.38 -15.25
C GLY A 187 -2.78 -18.79 -16.03
N PRO A 188 -2.59 -19.33 -17.24
CA PRO A 188 -3.79 -19.69 -18.00
C PRO A 188 -4.63 -20.81 -17.38
N PHE A 189 -4.05 -21.62 -16.49
CA PHE A 189 -4.83 -22.75 -15.94
C PHE A 189 -5.31 -22.54 -14.50
N ARG A 190 -5.35 -21.30 -14.07
CA ARG A 190 -5.95 -20.96 -12.78
C ARG A 190 -7.31 -21.65 -12.62
N GLY A 191 -7.58 -22.20 -11.44
CA GLY A 191 -8.84 -22.91 -11.19
C GLY A 191 -8.99 -24.31 -11.75
N TRP A 192 -8.10 -24.73 -12.66
CA TRP A 192 -8.18 -26.08 -13.29
C TRP A 192 -7.85 -27.18 -12.30
N SER A 193 -8.11 -28.43 -12.70
CA SER A 193 -7.92 -29.60 -11.82
C SER A 193 -6.63 -30.34 -12.19
N ALA A 194 -6.17 -31.25 -11.33
CA ALA A 194 -4.99 -32.06 -11.64
C ALA A 194 -5.16 -32.79 -12.99
N ALA A 195 -6.32 -33.44 -13.15
CA ALA A 195 -6.69 -34.14 -14.39
C ALA A 195 -6.62 -33.24 -15.61
N ASP A 196 -7.18 -32.02 -15.52
CA ASP A 196 -7.13 -31.08 -16.66
C ASP A 196 -5.72 -30.81 -17.18
N LEU A 197 -4.74 -30.74 -16.27
CA LEU A 197 -3.37 -30.34 -16.62
C LEU A 197 -2.71 -31.39 -17.50
N GLU A 198 -3.20 -32.63 -17.41
CA GLU A 198 -2.66 -33.74 -18.19
C GLU A 198 -2.66 -33.45 -19.70
N HIS A 199 -3.64 -32.68 -20.17
CA HIS A 199 -3.80 -32.44 -21.61
C HIS A 199 -3.19 -31.13 -22.08
N VAL A 200 -2.52 -30.41 -21.18
CA VAL A 200 -1.95 -29.13 -21.56
C VAL A 200 -0.83 -29.29 -22.59
N THR A 201 -0.87 -28.47 -23.64
CA THR A 201 0.13 -28.55 -24.68
C THR A 201 1.04 -27.33 -24.65
N PRO A 202 2.28 -27.46 -25.17
CA PRO A 202 3.20 -26.35 -25.28
C PRO A 202 2.57 -25.01 -25.74
N GLU A 203 1.58 -25.07 -26.63
CA GLU A 203 0.92 -23.85 -27.13
C GLU A 203 -0.08 -23.23 -26.14
N GLN A 204 -0.85 -24.06 -25.44
CA GLN A 204 -1.73 -23.59 -24.38
C GLN A 204 -0.92 -22.91 -23.27
N ALA A 205 0.19 -23.55 -22.89
CA ALA A 205 1.11 -22.97 -21.92
C ALA A 205 1.83 -21.72 -22.45
N GLY A 206 1.69 -21.43 -23.74
CA GLY A 206 2.10 -20.15 -24.32
C GLY A 206 1.00 -19.12 -24.12
N SER A 212 3.37 -10.06 -21.03
CA SER A 212 4.02 -10.46 -22.28
C SER A 212 5.52 -10.62 -22.04
N MET A 213 6.03 -11.81 -22.32
CA MET A 213 7.32 -12.22 -21.79
C MET A 213 8.02 -13.12 -22.80
N GLY A 214 9.11 -13.78 -22.38
CA GLY A 214 9.71 -14.87 -23.16
C GLY A 214 8.99 -16.23 -23.04
N PRO A 215 9.52 -17.31 -23.67
CA PRO A 215 8.92 -18.66 -23.70
C PRO A 215 9.05 -19.51 -22.42
N MET A 216 10.25 -19.56 -21.85
CA MET A 216 10.47 -20.21 -20.56
C MET A 216 9.79 -19.43 -19.42
N ASN A 217 9.77 -18.10 -19.52
CA ASN A 217 9.16 -17.28 -18.47
C ASN A 217 7.64 -17.42 -18.41
N THR A 218 7.00 -17.42 -19.58
CA THR A 218 5.58 -17.73 -19.74
C THR A 218 5.23 -19.15 -19.25
N LEU A 219 6.10 -20.11 -19.53
CA LEU A 219 5.85 -21.49 -19.11
C LEU A 219 5.96 -21.58 -17.58
N ASN A 220 6.99 -20.96 -17.02
CA ASN A 220 7.16 -20.92 -15.57
C ASN A 220 5.98 -20.25 -14.85
N SER A 221 5.34 -19.28 -15.51
CA SER A 221 4.09 -18.69 -15.00
C SER A 221 2.95 -19.66 -15.01
N ALA A 222 2.82 -20.41 -16.08
CA ALA A 222 1.70 -21.34 -16.22
C ALA A 222 1.83 -22.48 -15.21
N SER A 223 3.06 -22.93 -14.94
CA SER A 223 3.26 -24.09 -14.04
C SER A 223 3.36 -23.71 -12.57
N LEU A 224 3.46 -22.40 -12.30
CA LEU A 224 3.66 -21.85 -10.96
C LEU A 224 5.07 -22.01 -10.38
N VAL A 225 5.98 -22.57 -11.17
CA VAL A 225 7.38 -22.58 -10.79
C VAL A 225 7.86 -21.12 -10.63
N ASN A 226 7.47 -20.25 -11.55
CA ASN A 226 7.86 -18.83 -11.46
C ASN A 226 7.60 -18.34 -10.04
N LYS A 227 6.40 -18.62 -9.55
CA LYS A 227 6.00 -18.13 -8.22
C LYS A 227 6.83 -18.80 -7.13
N GLY A 228 7.14 -20.09 -7.32
CA GLY A 228 8.10 -20.76 -6.44
C GLY A 228 9.46 -20.06 -6.43
N LEU A 229 9.96 -19.74 -7.62
CA LEU A 229 11.22 -18.98 -7.70
C LEU A 229 11.15 -17.65 -6.98
N GLU A 230 9.99 -17.01 -7.05
CA GLU A 230 9.78 -15.68 -6.47
C GLU A 230 9.71 -15.76 -4.96
N VAL A 231 9.21 -16.89 -4.44
CA VAL A 231 9.22 -17.13 -2.98
C VAL A 231 10.67 -17.22 -2.48
N ILE A 232 11.50 -17.98 -3.19
CA ILE A 232 12.92 -18.06 -2.81
C ILE A 232 13.61 -16.68 -2.96
N GLU A 233 13.29 -15.97 -4.04
CA GLU A 233 13.87 -14.65 -4.29
C GLU A 233 13.47 -13.67 -3.19
N THR A 234 12.22 -13.76 -2.73
CA THR A 234 11.77 -12.93 -1.65
C THR A 234 12.61 -13.19 -0.42
N HIS A 235 12.81 -14.46 -0.11
CA HIS A 235 13.60 -14.82 1.06
C HIS A 235 15.02 -14.27 0.99
N LEU A 236 15.66 -14.49 -0.15
CA LEU A 236 17.04 -14.06 -0.33
C LEU A 236 17.18 -12.54 -0.35
N LEU A 237 16.22 -11.83 -0.95
CA LEU A 237 16.30 -10.37 -1.02
C LEU A 237 15.98 -9.67 0.29
N PHE A 238 14.96 -10.16 0.99
CA PHE A 238 14.46 -9.39 2.15
C PHE A 238 14.86 -10.00 3.49
N GLY A 239 15.45 -11.19 3.45
CA GLY A 239 15.89 -11.87 4.68
C GLY A 239 14.72 -12.06 5.62
N ILE A 240 13.56 -12.38 5.07
CA ILE A 240 12.35 -12.71 5.84
C ILE A 240 12.22 -14.26 5.77
N PRO A 241 11.94 -14.93 6.91
CA PRO A 241 11.82 -16.40 6.95
C PRO A 241 10.73 -16.95 6.03
N TYR A 242 10.96 -18.12 5.45
CA TYR A 242 9.96 -18.77 4.60
C TYR A 242 8.58 -18.93 5.24
N ASP A 243 8.53 -19.12 6.56
CA ASP A 243 7.25 -19.27 7.25
C ASP A 243 6.44 -17.96 7.32
N ARG A 244 7.03 -16.88 6.80
CA ARG A 244 6.35 -15.56 6.75
C ARG A 244 6.31 -14.99 5.32
N ILE A 245 6.44 -15.87 4.34
CA ILE A 245 6.26 -15.53 2.96
C ILE A 245 5.09 -16.34 2.40
N ASP A 246 3.97 -15.65 2.21
CA ASP A 246 2.76 -16.27 1.66
C ASP A 246 2.47 -15.90 0.19
N VAL A 247 1.59 -16.71 -0.41
CA VAL A 247 1.12 -16.53 -1.79
C VAL A 247 -0.42 -16.51 -1.88
N VAL A 248 -0.97 -15.60 -2.67
CA VAL A 248 -2.41 -15.56 -2.94
C VAL A 248 -2.59 -15.37 -4.45
N VAL A 249 -3.63 -15.98 -5.00
CA VAL A 249 -3.95 -15.77 -6.41
C VAL A 249 -4.84 -14.51 -6.58
N HIS A 250 -4.39 -13.64 -7.47
CA HIS A 250 -5.05 -12.37 -7.78
C HIS A 250 -5.01 -12.23 -9.31
N PRO A 251 -6.12 -12.59 -9.98
CA PRO A 251 -6.20 -12.73 -11.43
C PRO A 251 -6.07 -11.40 -12.20
N GLN A 252 -6.43 -10.28 -11.60
CA GLN A 252 -6.23 -8.98 -12.25
C GLN A 252 -4.75 -8.59 -12.37
N SER A 253 -3.91 -9.01 -11.42
CA SER A 253 -2.48 -8.66 -11.38
C SER A 253 -2.31 -7.14 -11.24
N ILE A 254 -3.24 -6.52 -10.55
CA ILE A 254 -3.15 -5.09 -10.28
C ILE A 254 -2.40 -4.84 -8.99
N ILE A 255 -2.71 -5.62 -7.95
CA ILE A 255 -1.90 -5.61 -6.74
C ILE A 255 -0.72 -6.53 -7.03
N HIS A 256 0.49 -5.99 -6.87
CA HIS A 256 1.68 -6.72 -7.28
C HIS A 256 2.35 -7.49 -6.16
N SER A 257 2.04 -7.09 -4.92
CA SER A 257 2.36 -7.80 -3.68
C SER A 257 2.01 -6.88 -2.51
N MET A 258 2.14 -7.40 -1.30
CA MET A 258 1.68 -6.71 -0.09
C MET A 258 2.48 -7.18 1.12
N VAL A 259 2.48 -6.34 2.14
CA VAL A 259 3.07 -6.64 3.43
C VAL A 259 2.03 -6.49 4.54
N THR A 260 1.94 -7.48 5.42
CA THR A 260 1.10 -7.38 6.61
C THR A 260 1.97 -7.11 7.82
N PHE A 261 1.54 -6.14 8.61
CA PHE A 261 2.29 -5.69 9.75
C PHE A 261 1.74 -6.25 11.05
N ILE A 262 2.54 -6.26 12.11
CA ILE A 262 2.16 -6.88 13.41
C ILE A 262 0.88 -6.35 14.02
N ASP A 263 0.49 -5.14 13.67
CA ASP A 263 -0.76 -4.57 14.15
C ASP A 263 -2.00 -5.00 13.33
N GLY A 264 -1.80 -5.82 12.28
CA GLY A 264 -2.92 -6.26 11.43
C GLY A 264 -3.11 -5.45 10.14
N SER A 265 -2.42 -4.31 10.04
CA SER A 265 -2.45 -3.48 8.85
C SER A 265 -1.71 -4.11 7.66
N THR A 266 -2.33 -4.05 6.48
CA THR A 266 -1.67 -4.47 5.25
C THR A 266 -1.39 -3.28 4.29
N ILE A 267 -0.19 -3.24 3.75
CA ILE A 267 0.17 -2.23 2.77
C ILE A 267 0.42 -2.94 1.45
N ALA A 268 -0.22 -2.44 0.38
CA ALA A 268 -0.14 -3.07 -0.93
C ALA A 268 0.28 -2.05 -1.98
N GLN A 269 0.85 -2.55 -3.06
CA GLN A 269 1.25 -1.72 -4.16
C GLN A 269 0.46 -2.18 -5.37
N ALA A 270 -0.10 -1.21 -6.09
CA ALA A 270 -1.08 -1.49 -7.15
C ALA A 270 -0.82 -0.64 -8.37
N SER A 271 -0.95 -1.27 -9.54
CA SER A 271 -0.87 -0.53 -10.79
C SER A 271 -1.27 -1.44 -11.92
N PRO A 272 -1.81 -0.87 -13.01
CA PRO A 272 -2.08 -1.73 -14.17
C PRO A 272 -0.79 -2.43 -14.54
N PRO A 273 -0.86 -3.73 -14.87
CA PRO A 273 0.45 -4.41 -15.05
C PRO A 273 1.29 -3.79 -16.19
N ASP A 274 2.57 -3.50 -15.91
CA ASP A 274 3.48 -2.83 -16.88
C ASP A 274 4.89 -2.81 -16.26
N MET A 275 5.86 -3.46 -16.88
CA MET A 275 7.20 -3.63 -16.28
C MET A 275 8.03 -2.34 -16.22
N LYS A 276 7.65 -1.37 -17.03
CA LYS A 276 8.41 -0.12 -17.03
C LYS A 276 8.35 0.52 -15.66
N LEU A 277 7.26 0.32 -14.94
CA LEU A 277 7.20 0.86 -13.58
C LEU A 277 8.34 0.32 -12.69
N PRO A 278 8.40 -1.03 -12.47
CA PRO A 278 9.47 -1.54 -11.61
C PRO A 278 10.86 -1.36 -12.22
N ILE A 279 10.94 -1.38 -13.54
CA ILE A 279 12.20 -1.15 -14.20
C ILE A 279 12.65 0.25 -13.91
N SER A 280 11.76 1.22 -14.11
CA SER A 280 12.13 2.61 -13.91
C SER A 280 12.56 2.84 -12.47
N LEU A 281 11.93 2.11 -11.55
CA LEU A 281 12.21 2.28 -10.14
C LEU A 281 13.53 1.59 -9.73
N ALA A 282 13.85 0.46 -10.35
CA ALA A 282 15.11 -0.22 -10.04
C ALA A 282 16.33 0.60 -10.54
N LEU A 283 16.26 1.11 -11.76
CA LEU A 283 17.36 1.93 -12.31
C LEU A 283 17.61 3.14 -11.46
N GLY A 284 16.55 3.85 -11.08
CA GLY A 284 16.68 5.14 -10.39
C GLY A 284 16.51 5.09 -8.89
N TRP A 285 16.49 3.89 -8.33
CA TRP A 285 16.26 3.66 -6.91
C TRP A 285 17.15 4.56 -6.07
N PRO A 286 16.57 5.24 -5.07
CA PRO A 286 15.17 5.19 -4.61
C PRO A 286 14.23 6.25 -5.20
N ARG A 287 14.69 7.05 -6.15
CA ARG A 287 13.88 8.10 -6.73
C ARG A 287 12.91 7.56 -7.78
N ARG A 288 11.64 7.98 -7.70
CA ARG A 288 10.64 7.60 -8.69
C ARG A 288 10.83 8.37 -10.01
N VAL A 289 10.43 7.75 -11.11
CA VAL A 289 10.58 8.35 -12.42
C VAL A 289 9.22 8.84 -12.91
N SER A 290 9.07 10.16 -13.08
CA SER A 290 7.78 10.70 -13.48
C SER A 290 7.25 10.14 -14.80
N GLY A 291 5.96 9.81 -14.84
CA GLY A 291 5.30 9.27 -16.03
C GLY A 291 5.75 7.91 -16.54
N ALA A 292 6.42 7.12 -15.69
CA ALA A 292 6.92 5.78 -16.11
C ALA A 292 5.77 4.87 -16.58
N ALA A 293 4.65 4.88 -15.86
CA ALA A 293 3.54 4.04 -16.30
C ALA A 293 2.21 4.63 -15.91
N ALA A 294 1.14 4.03 -16.40
CA ALA A 294 -0.20 4.48 -16.05
C ALA A 294 -0.58 4.08 -14.60
N ALA A 295 -1.39 4.91 -13.97
CA ALA A 295 -1.88 4.66 -12.63
C ALA A 295 -3.24 3.96 -12.69
N CYS A 296 -3.65 3.37 -11.56
CA CYS A 296 -5.00 2.83 -11.42
C CYS A 296 -6.01 3.95 -11.67
N ASP A 297 -6.95 3.69 -12.55
CA ASP A 297 -8.04 4.61 -12.82
C ASP A 297 -9.36 4.08 -12.23
N PHE A 298 -10.02 4.92 -11.45
CA PHE A 298 -11.24 4.55 -10.78
C PHE A 298 -12.48 5.28 -11.30
N HIS A 299 -12.35 5.92 -12.46
CA HIS A 299 -13.49 6.59 -13.10
C HIS A 299 -14.50 5.56 -13.64
N THR A 300 -14.10 4.29 -13.63
CA THR A 300 -14.96 3.20 -14.07
C THR A 300 -14.97 2.06 -13.02
N ALA A 301 -16.13 1.44 -12.81
CA ALA A 301 -16.27 0.37 -11.82
C ALA A 301 -15.41 -0.85 -12.09
N SER A 302 -14.78 -1.39 -11.06
CA SER A 302 -13.94 -2.57 -11.20
C SER A 302 -13.84 -3.33 -9.89
N SER A 303 -13.17 -4.48 -9.93
CA SER A 303 -12.94 -5.24 -8.73
C SER A 303 -11.58 -5.92 -8.69
N TRP A 304 -11.05 -6.09 -7.48
CA TRP A 304 -9.82 -6.83 -7.28
C TRP A 304 -10.15 -8.09 -6.50
N GLU A 305 -9.86 -9.23 -7.11
CA GLU A 305 -10.22 -10.52 -6.52
C GLU A 305 -9.02 -11.27 -5.97
N PHE A 306 -9.28 -12.09 -4.95
CA PHE A 306 -8.25 -12.93 -4.36
C PHE A 306 -8.82 -14.29 -4.16
N GLU A 307 -7.98 -15.30 -4.37
CA GLU A 307 -8.38 -16.67 -4.06
C GLU A 307 -7.13 -17.46 -3.65
N PRO A 308 -7.30 -18.56 -2.88
CA PRO A 308 -6.12 -19.34 -2.55
C PRO A 308 -5.64 -20.16 -3.74
N LEU A 309 -4.37 -20.58 -3.67
CA LEU A 309 -3.82 -21.52 -4.62
C LEU A 309 -3.95 -22.96 -4.08
N ASP A 310 -4.35 -23.89 -4.92
CA ASP A 310 -4.48 -25.27 -4.47
C ASP A 310 -3.21 -26.04 -4.74
N THR A 311 -2.52 -26.42 -3.67
CA THR A 311 -1.23 -27.11 -3.76
C THR A 311 -1.39 -28.55 -4.28
N ASP A 312 -2.58 -29.12 -4.11
CA ASP A 312 -2.88 -30.44 -4.69
C ASP A 312 -2.75 -30.40 -6.20
N VAL A 313 -2.98 -29.22 -6.78
CA VAL A 313 -2.95 -29.07 -8.22
C VAL A 313 -1.63 -28.40 -8.65
N PHE A 314 -1.23 -27.34 -7.95
CA PHE A 314 -0.01 -26.61 -8.26
C PHE A 314 0.97 -26.74 -7.08
N PRO A 315 1.71 -27.85 -7.03
CA PRO A 315 2.61 -28.03 -5.89
C PRO A 315 3.90 -27.17 -5.96
N ALA A 316 4.19 -26.55 -7.10
CA ALA A 316 5.46 -25.80 -7.29
C ALA A 316 5.87 -24.90 -6.14
N VAL A 317 4.89 -24.22 -5.53
CA VAL A 317 5.16 -23.17 -4.56
C VAL A 317 5.59 -23.75 -3.21
N GLU A 318 4.84 -24.74 -2.73
CA GLU A 318 5.19 -25.43 -1.49
C GLU A 318 6.53 -26.12 -1.62
N LEU A 319 6.80 -26.59 -2.81
CA LEU A 319 8.00 -27.31 -3.10
C LEU A 319 9.18 -26.36 -3.08
N ALA A 320 8.97 -25.14 -3.58
CA ALA A 320 9.99 -24.11 -3.55
C ALA A 320 10.31 -23.74 -2.10
N ARG A 321 9.29 -23.63 -1.28
CA ARG A 321 9.49 -23.31 0.13
C ARG A 321 10.30 -24.43 0.79
N GLN A 322 10.04 -25.67 0.41
CA GLN A 322 10.77 -26.78 1.01
C GLN A 322 12.25 -26.72 0.59
N ALA A 323 12.52 -26.47 -0.69
CA ALA A 323 13.90 -26.33 -1.18
C ALA A 323 14.59 -25.16 -0.48
N GLY A 324 13.90 -24.03 -0.37
CA GLY A 324 14.42 -22.89 0.36
C GLY A 324 14.76 -23.11 1.83
N VAL A 325 13.92 -23.87 2.55
CA VAL A 325 14.19 -24.17 3.95
C VAL A 325 15.42 -25.08 4.08
N ALA A 326 15.57 -26.04 3.18
CA ALA A 326 16.74 -26.91 3.16
C ALA A 326 18.05 -26.14 2.86
N GLY A 327 17.97 -25.09 2.03
CA GLY A 327 19.06 -24.13 1.84
C GLY A 327 20.27 -24.57 1.04
N GLY A 328 21.35 -23.80 1.13
CA GLY A 328 22.59 -24.14 0.43
C GLY A 328 22.37 -24.22 -1.06
N CYS A 329 22.73 -25.35 -1.66
CA CYS A 329 22.56 -25.55 -3.08
C CYS A 329 21.20 -26.13 -3.47
N MET A 330 20.29 -26.28 -2.50
CA MET A 330 18.98 -26.85 -2.82
C MET A 330 18.14 -26.00 -3.80
N THR A 331 18.20 -24.68 -3.66
CA THR A 331 17.42 -23.80 -4.56
C THR A 331 17.97 -23.86 -5.99
N ALA A 332 19.29 -23.99 -6.11
CA ALA A 332 19.92 -24.14 -7.43
C ALA A 332 19.48 -25.45 -8.06
N VAL A 333 19.20 -26.46 -7.22
CA VAL A 333 18.73 -27.76 -7.70
C VAL A 333 17.29 -27.66 -8.20
N TYR A 334 16.43 -27.03 -7.40
CA TYR A 334 15.05 -26.74 -7.84
C TYR A 334 15.06 -26.05 -9.21
N ASN A 335 15.80 -24.96 -9.36
CA ASN A 335 15.78 -24.21 -10.64
C ASN A 335 16.35 -24.98 -11.83
N ALA A 336 17.48 -25.65 -11.61
CA ALA A 336 18.12 -26.41 -12.68
C ALA A 336 17.23 -27.55 -13.15
N ALA A 337 16.56 -28.21 -12.21
CA ALA A 337 15.67 -29.32 -12.54
C ALA A 337 14.57 -28.78 -13.40
N ASN A 338 14.01 -27.63 -13.00
CA ASN A 338 12.97 -26.98 -13.78
C ASN A 338 13.45 -26.67 -15.19
N GLU A 339 14.56 -25.94 -15.30
CA GLU A 339 15.10 -25.55 -16.62
C GLU A 339 15.16 -26.73 -17.58
N GLU A 340 15.55 -27.88 -17.03
CA GLU A 340 15.67 -29.12 -17.81
C GLU A 340 14.30 -29.76 -18.09
N ALA A 341 13.48 -29.90 -17.06
CA ALA A 341 12.15 -30.53 -17.21
C ALA A 341 11.20 -29.67 -18.06
N ALA A 342 11.24 -28.36 -17.85
CA ALA A 342 10.47 -27.44 -18.68
C ALA A 342 10.87 -27.55 -20.15
N ALA A 343 12.18 -27.53 -20.42
CA ALA A 343 12.66 -27.68 -21.80
C ALA A 343 12.13 -28.97 -22.42
N ALA A 344 12.10 -30.06 -21.63
CA ALA A 344 11.53 -31.32 -22.10
C ALA A 344 10.07 -31.15 -22.47
N PHE A 345 9.32 -30.44 -21.64
CA PHE A 345 7.90 -30.25 -21.94
C PHE A 345 7.67 -29.52 -23.27
N LEU A 346 8.41 -28.42 -23.49
CA LEU A 346 8.38 -27.67 -24.74
C LEU A 346 8.84 -28.46 -25.98
N ALA A 347 9.86 -29.31 -25.82
CA ALA A 347 10.33 -30.17 -26.91
C ALA A 347 9.34 -31.33 -27.16
N GLY A 348 8.32 -31.42 -26.31
CA GLY A 348 7.24 -32.40 -26.49
C GLY A 348 7.51 -33.79 -25.94
N ARG A 349 8.44 -33.89 -24.99
CA ARG A 349 8.88 -35.19 -24.50
C ARG A 349 8.23 -35.65 -23.20
N ILE A 350 7.62 -34.71 -22.45
CA ILE A 350 6.89 -35.03 -21.20
C ILE A 350 5.53 -34.31 -21.10
N GLY A 351 4.65 -34.83 -20.24
CA GLY A 351 3.38 -34.18 -19.91
C GLY A 351 3.59 -32.98 -18.98
N PHE A 352 2.70 -31.99 -19.08
CA PHE A 352 2.72 -30.78 -18.24
C PHE A 352 2.91 -31.06 -16.72
N PRO A 353 2.12 -31.98 -16.13
CA PRO A 353 2.25 -32.22 -14.68
C PRO A 353 3.60 -32.80 -14.27
N ALA A 354 4.35 -33.35 -15.23
CA ALA A 354 5.62 -34.01 -14.88
C ALA A 354 6.75 -33.00 -14.75
N ILE A 355 6.54 -31.77 -15.19
CA ILE A 355 7.52 -30.71 -14.95
C ILE A 355 7.80 -30.63 -13.44
N VAL A 356 6.75 -30.38 -12.68
CA VAL A 356 6.85 -30.28 -11.24
C VAL A 356 7.00 -31.65 -10.53
N GLY A 357 6.39 -32.70 -11.06
CA GLY A 357 6.65 -34.07 -10.55
C GLY A 357 8.14 -34.40 -10.65
N ILE A 358 8.75 -34.07 -11.78
CA ILE A 358 10.17 -34.32 -11.97
C ILE A 358 11.03 -33.45 -11.06
N ILE A 359 10.57 -32.24 -10.75
CA ILE A 359 11.33 -31.40 -9.83
C ILE A 359 11.28 -31.98 -8.42
N ALA A 360 10.10 -32.44 -8.01
CA ALA A 360 9.94 -33.07 -6.70
C ALA A 360 10.85 -34.29 -6.52
N ASP A 361 10.93 -35.13 -7.55
CA ASP A 361 11.76 -36.33 -7.48
C ASP A 361 13.26 -35.99 -7.41
N VAL A 362 13.75 -35.15 -8.31
CA VAL A 362 15.13 -34.66 -8.22
C VAL A 362 15.44 -34.06 -6.83
N LEU A 363 14.56 -33.20 -6.33
CA LEU A 363 14.75 -32.57 -5.02
C LEU A 363 14.80 -33.51 -3.81
N HIS A 364 13.97 -34.55 -3.79
CA HIS A 364 13.87 -35.43 -2.62
C HIS A 364 15.04 -36.43 -2.54
N ALA A 365 15.75 -36.53 -3.66
CA ALA A 365 16.93 -37.35 -3.84
C ALA A 365 18.23 -36.55 -3.64
N ALA A 366 18.13 -35.23 -3.46
CA ALA A 366 19.30 -34.36 -3.44
C ALA A 366 19.75 -34.02 -2.02
N ASP A 367 19.77 -35.02 -1.14
CA ASP A 367 20.18 -34.83 0.25
C ASP A 367 21.57 -34.19 0.39
N GLN A 368 22.49 -34.57 -0.49
CA GLN A 368 23.88 -34.09 -0.42
C GLN A 368 24.05 -32.57 -0.62
N TRP A 369 23.18 -31.96 -1.42
CA TRP A 369 23.38 -30.59 -1.86
C TRP A 369 22.90 -29.50 -0.90
N ALA A 370 22.55 -29.88 0.32
CA ALA A 370 22.04 -28.93 1.29
C ALA A 370 23.14 -28.08 1.98
N VAL A 371 24.39 -28.29 1.58
CA VAL A 371 25.51 -27.51 2.11
C VAL A 371 25.73 -26.19 1.35
N GLU A 372 26.08 -25.13 2.11
CA GLU A 372 26.40 -23.83 1.51
C GLU A 372 27.46 -23.95 0.40
N PRO A 373 27.27 -23.21 -0.70
CA PRO A 373 28.32 -23.21 -1.71
C PRO A 373 29.43 -22.28 -1.22
N ALA A 374 30.67 -22.73 -1.37
CA ALA A 374 31.83 -21.92 -1.00
C ALA A 374 32.27 -21.13 -2.22
N THR A 375 32.13 -21.73 -3.40
CA THR A 375 32.54 -21.09 -4.63
C THR A 375 31.48 -21.26 -5.71
N VAL A 376 31.60 -20.46 -6.77
CA VAL A 376 30.76 -20.59 -7.96
C VAL A 376 30.73 -22.03 -8.50
N ASP A 377 31.81 -22.78 -8.26
CA ASP A 377 31.93 -24.16 -8.75
C ASP A 377 31.00 -25.14 -8.01
N ASP A 378 30.78 -24.90 -6.73
CA ASP A 378 29.77 -25.65 -5.96
C ASP A 378 28.37 -25.55 -6.59
N VAL A 379 27.95 -24.33 -6.92
CA VAL A 379 26.65 -24.08 -7.54
C VAL A 379 26.55 -24.77 -8.90
N LEU A 380 27.61 -24.69 -9.71
CA LEU A 380 27.59 -25.26 -11.05
C LEU A 380 27.54 -26.79 -11.03
N ASP A 381 28.25 -27.38 -10.07
CA ASP A 381 28.23 -28.84 -9.84
C ASP A 381 26.83 -29.30 -9.43
N ALA A 382 26.25 -28.58 -8.47
CA ALA A 382 24.88 -28.83 -8.06
C ALA A 382 23.98 -28.84 -9.28
N GLN A 383 24.07 -27.77 -10.08
CA GLN A 383 23.20 -27.62 -11.26
C GLN A 383 23.39 -28.78 -12.21
N ARG A 384 24.65 -29.11 -12.49
CA ARG A 384 24.99 -30.23 -13.37
C ARG A 384 24.29 -31.51 -12.92
N TRP A 385 24.43 -31.81 -11.63
CA TRP A 385 23.83 -32.99 -11.03
C TRP A 385 22.32 -33.00 -11.20
N ALA A 386 21.69 -31.84 -10.95
CA ALA A 386 20.24 -31.73 -11.06
C ALA A 386 19.79 -31.90 -12.52
N ARG A 387 20.51 -31.27 -13.44
CA ARG A 387 20.20 -31.39 -14.87
C ARG A 387 20.28 -32.83 -15.36
N GLU A 388 21.36 -33.52 -14.97
CA GLU A 388 21.57 -34.89 -15.38
C GLU A 388 20.54 -35.84 -14.76
N ARG A 389 20.21 -35.65 -13.49
CA ARG A 389 19.16 -36.46 -12.90
C ARG A 389 17.79 -36.18 -13.55
N ALA A 390 17.49 -34.90 -13.78
CA ALA A 390 16.24 -34.53 -14.48
C ALA A 390 16.17 -35.20 -15.85
N GLN A 391 17.26 -35.14 -16.61
CA GLN A 391 17.29 -35.75 -17.93
C GLN A 391 17.06 -37.28 -17.89
N ARG A 392 17.54 -37.96 -16.85
CA ARG A 392 17.29 -39.40 -16.70
C ARG A 392 15.82 -39.68 -16.44
N ALA A 393 15.18 -38.83 -15.63
CA ALA A 393 13.75 -38.96 -15.36
C ALA A 393 12.94 -38.74 -16.64
N VAL A 394 13.34 -37.74 -17.44
CA VAL A 394 12.72 -37.53 -18.75
C VAL A 394 12.83 -38.82 -19.58
N SER A 395 13.96 -39.54 -19.45
CA SER A 395 14.23 -40.80 -20.18
C SER A 395 13.56 -42.04 -19.55
N GLY A 396 14.32 -42.80 -18.77
CA GLY A 396 13.89 -44.10 -18.21
C GLY A 396 12.67 -44.04 -17.32
N GLY B 19 9.11 3.82 27.23
CA GLY B 19 8.16 4.88 27.64
C GLY B 19 6.73 4.39 27.83
N ARG B 20 5.97 5.09 28.67
CA ARG B 20 4.59 4.71 28.98
C ARG B 20 3.67 5.93 28.88
N LEU B 21 3.16 6.17 27.68
CA LEU B 21 2.54 7.45 27.33
C LEU B 21 1.22 7.79 28.07
N ARG B 22 1.11 9.05 28.49
CA ARG B 22 -0.03 9.52 29.27
C ARG B 22 -1.15 10.03 28.36
N VAL B 23 -2.36 9.49 28.51
CA VAL B 23 -3.43 9.72 27.53
C VAL B 23 -4.71 10.27 28.12
N VAL B 24 -5.10 11.44 27.65
CA VAL B 24 -6.41 12.00 27.95
C VAL B 24 -7.41 11.62 26.84
N VAL B 25 -8.56 11.12 27.25
CA VAL B 25 -9.55 10.69 26.30
C VAL B 25 -10.77 11.61 26.37
N LEU B 26 -10.95 12.44 25.35
CA LEU B 26 -12.14 13.28 25.23
C LEU B 26 -13.17 12.53 24.42
N GLY B 27 -14.39 12.46 24.96
CA GLY B 27 -15.46 11.67 24.36
C GLY B 27 -15.24 10.19 24.59
N SER B 28 -14.93 9.84 25.83
CA SER B 28 -14.57 8.47 26.24
C SER B 28 -15.78 7.53 26.39
N THR B 29 -16.98 8.09 26.53
CA THR B 29 -18.21 7.27 26.56
C THR B 29 -18.72 6.91 25.15
N GLY B 30 -18.05 7.45 24.12
CA GLY B 30 -18.45 7.26 22.72
C GLY B 30 -17.94 5.98 22.07
N SER B 31 -18.30 5.78 20.82
CA SER B 31 -17.77 4.66 20.04
C SER B 31 -16.21 4.65 20.00
N ILE B 32 -15.58 5.74 19.57
CA ILE B 32 -14.10 5.80 19.49
C ILE B 32 -13.44 5.68 20.87
N GLY B 33 -13.88 6.54 21.80
CA GLY B 33 -13.34 6.55 23.17
C GLY B 33 -13.29 5.19 23.84
N THR B 34 -14.38 4.45 23.70
CA THR B 34 -14.52 3.12 24.27
C THR B 34 -13.49 2.16 23.69
N GLN B 35 -13.41 2.12 22.36
CA GLN B 35 -12.42 1.29 21.68
C GLN B 35 -11.02 1.70 22.10
N ALA B 36 -10.80 3.02 22.17
CA ALA B 36 -9.53 3.55 22.63
C ALA B 36 -9.20 3.03 24.03
N LEU B 37 -10.20 3.06 24.91
CA LEU B 37 -10.06 2.57 26.27
C LEU B 37 -9.69 1.10 26.32
N GLN B 38 -10.32 0.31 25.44
CA GLN B 38 -10.00 -1.11 25.29
C GLN B 38 -8.54 -1.35 24.89
N VAL B 39 -8.06 -0.59 23.90
CA VAL B 39 -6.68 -0.70 23.44
C VAL B 39 -5.69 -0.33 24.55
N ILE B 40 -5.98 0.76 25.26
CA ILE B 40 -5.11 1.16 26.36
C ILE B 40 -5.05 0.07 27.43
N ALA B 41 -6.22 -0.39 27.88
CA ALA B 41 -6.30 -1.47 28.88
C ALA B 41 -5.55 -2.72 28.43
N ASP B 42 -5.63 -3.02 27.13
CA ASP B 42 -5.01 -4.19 26.55
C ASP B 42 -3.51 -4.06 26.53
N ASN B 43 -3.02 -2.82 26.63
CA ASN B 43 -1.59 -2.56 26.56
C ASN B 43 -1.14 -1.65 27.68
N PRO B 44 -1.08 -2.18 28.92
CA PRO B 44 -0.58 -1.37 30.04
C PRO B 44 0.86 -0.85 29.87
N ASP B 45 1.77 -1.65 29.31
CA ASP B 45 3.20 -1.27 29.17
C ASP B 45 3.47 -0.04 28.28
N ARG B 46 2.54 0.25 27.37
CA ARG B 46 2.69 1.37 26.44
C ARG B 46 1.85 2.59 26.83
N PHE B 47 0.65 2.36 27.39
CA PHE B 47 -0.29 3.48 27.67
C PHE B 47 -0.90 3.50 29.09
N GLU B 48 -1.28 4.70 29.55
CA GLU B 48 -2.10 4.88 30.75
C GLU B 48 -3.14 5.98 30.62
N VAL B 49 -4.37 5.70 31.04
CA VAL B 49 -5.43 6.70 31.02
C VAL B 49 -5.24 7.62 32.23
N VAL B 50 -5.34 8.93 32.01
CA VAL B 50 -5.18 9.88 33.11
C VAL B 50 -6.28 10.94 33.12
N GLY B 51 -7.25 10.80 32.22
CA GLY B 51 -8.34 11.76 32.11
C GLY B 51 -9.43 11.29 31.17
N LEU B 52 -10.67 11.56 31.53
CA LEU B 52 -11.82 11.21 30.69
C LEU B 52 -12.86 12.31 30.69
N ALA B 53 -13.21 12.82 29.51
CA ALA B 53 -14.31 13.79 29.38
C ALA B 53 -15.49 13.21 28.59
N ALA B 54 -16.70 13.45 29.08
CA ALA B 54 -17.93 13.05 28.38
C ALA B 54 -18.98 14.18 28.37
N GLY B 55 -20.17 13.85 27.89
CA GLY B 55 -21.26 14.83 27.80
C GLY B 55 -22.23 14.76 28.96
N GLY B 56 -22.24 13.64 29.68
CA GLY B 56 -23.15 13.45 30.79
C GLY B 56 -24.40 12.67 30.46
N ALA B 57 -24.71 12.55 29.16
CA ALA B 57 -25.91 11.84 28.70
C ALA B 57 -25.87 10.32 28.91
N HIS B 58 -24.67 9.77 29.13
CA HIS B 58 -24.52 8.34 29.40
C HIS B 58 -23.90 8.08 30.78
N LEU B 59 -24.70 8.46 31.77
CA LEU B 59 -24.51 8.20 33.20
C LEU B 59 -23.75 6.89 33.49
N ASP B 60 -24.42 5.76 33.25
CA ASP B 60 -23.93 4.40 33.57
C ASP B 60 -22.50 4.13 33.12
N THR B 61 -22.28 4.36 31.83
CA THR B 61 -21.02 4.05 31.16
C THR B 61 -19.86 4.77 31.85
N LEU B 62 -20.03 6.07 32.03
CA LEU B 62 -19.04 6.94 32.66
C LEU B 62 -18.58 6.43 34.03
N LEU B 63 -19.53 5.94 34.84
CA LEU B 63 -19.25 5.38 36.17
C LEU B 63 -18.49 4.06 36.07
N ARG B 64 -19.02 3.14 35.27
CA ARG B 64 -18.35 1.88 34.99
C ARG B 64 -16.94 2.17 34.46
N GLN B 65 -16.77 3.30 33.76
CA GLN B 65 -15.44 3.72 33.29
C GLN B 65 -14.52 4.26 34.37
N ARG B 66 -15.04 5.11 35.26
CA ARG B 66 -14.23 5.62 36.37
C ARG B 66 -13.76 4.47 37.24
N ALA B 67 -14.68 3.59 37.58
CA ALA B 67 -14.41 2.41 38.41
C ALA B 67 -13.20 1.62 37.91
N GLN B 68 -13.03 1.54 36.59
CA GLN B 68 -12.00 0.68 36.02
C GLN B 68 -10.63 1.34 35.85
N THR B 69 -10.59 2.67 35.76
CA THR B 69 -9.34 3.40 35.46
C THR B 69 -8.29 3.47 36.59
N GLY B 70 -8.61 4.23 37.63
CA GLY B 70 -7.65 4.55 38.67
C GLY B 70 -7.85 5.98 39.14
N VAL B 71 -7.88 6.92 38.19
CA VAL B 71 -8.06 8.33 38.54
C VAL B 71 -9.48 8.82 38.24
N THR B 72 -9.95 9.70 39.12
CA THR B 72 -11.30 10.27 39.05
C THR B 72 -11.23 11.66 38.40
N ASN B 73 -10.21 11.87 37.59
CA ASN B 73 -10.02 13.12 36.85
C ASN B 73 -10.89 13.16 35.59
N ILE B 74 -12.06 13.80 35.70
CA ILE B 74 -13.15 13.64 34.71
C ILE B 74 -13.93 14.94 34.49
N ALA B 75 -14.46 15.11 33.27
CA ALA B 75 -15.33 16.25 32.91
C ALA B 75 -16.67 15.82 32.30
N VAL B 76 -17.74 16.52 32.69
CA VAL B 76 -19.09 16.27 32.20
C VAL B 76 -19.67 17.59 31.71
N ALA B 77 -20.22 17.61 30.50
CA ALA B 77 -20.69 18.86 29.90
C ALA B 77 -22.03 19.36 30.48
N ASP B 78 -23.06 18.51 30.43
CA ASP B 78 -24.41 18.89 30.90
C ASP B 78 -24.37 19.16 32.41
N GLU B 79 -25.12 20.16 32.83
CA GLU B 79 -25.15 20.57 34.25
C GLU B 79 -26.02 19.65 35.10
N HIS B 80 -27.30 19.52 34.73
CA HIS B 80 -28.23 18.60 35.38
C HIS B 80 -27.58 17.23 35.60
N ALA B 81 -26.79 16.79 34.61
CA ALA B 81 -26.17 15.46 34.58
C ALA B 81 -25.02 15.31 35.57
N ALA B 82 -24.07 16.25 35.56
CA ALA B 82 -22.94 16.25 36.51
C ALA B 82 -23.36 16.36 37.99
N GLN B 83 -24.56 16.91 38.24
CA GLN B 83 -25.08 17.01 39.60
C GLN B 83 -25.63 15.67 40.09
N ARG B 84 -26.03 14.83 39.13
CA ARG B 84 -26.52 13.50 39.43
C ARG B 84 -25.39 12.52 39.77
N VAL B 85 -24.15 13.00 39.86
CA VAL B 85 -23.01 12.12 40.17
C VAL B 85 -22.03 12.64 41.25
N GLY B 86 -21.52 13.86 41.09
CA GLY B 86 -20.59 14.44 42.06
C GLY B 86 -19.20 13.82 41.99
N ASP B 87 -18.27 14.36 42.78
CA ASP B 87 -16.83 13.99 42.74
C ASP B 87 -16.08 14.69 41.60
N ILE B 88 -16.85 15.26 40.67
CA ILE B 88 -16.39 15.64 39.32
C ILE B 88 -15.56 16.92 39.24
N PRO B 89 -14.22 16.80 39.08
CA PRO B 89 -13.38 17.99 39.03
C PRO B 89 -13.90 19.12 38.11
N TYR B 90 -14.41 18.76 36.93
CA TYR B 90 -14.80 19.77 35.94
C TYR B 90 -16.20 19.58 35.37
N HIS B 91 -16.92 20.69 35.24
CA HIS B 91 -18.21 20.69 34.51
C HIS B 91 -18.50 22.03 33.82
N GLY B 92 -19.60 22.08 33.06
CA GLY B 92 -19.93 23.25 32.24
C GLY B 92 -19.66 22.99 30.77
N SER B 93 -20.02 23.95 29.92
CA SER B 93 -19.82 23.79 28.47
C SER B 93 -18.34 23.78 28.08
N ASP B 94 -17.49 24.28 28.98
CA ASP B 94 -16.05 24.26 28.75
C ASP B 94 -15.32 23.35 29.78
N ALA B 95 -16.05 22.35 30.27
CA ALA B 95 -15.50 21.33 31.16
C ALA B 95 -14.38 20.52 30.48
N ALA B 96 -14.62 20.15 29.22
CA ALA B 96 -13.66 19.39 28.41
C ALA B 96 -12.35 20.15 28.23
N THR B 97 -12.49 21.40 27.79
CA THR B 97 -11.36 22.31 27.54
C THR B 97 -10.48 22.49 28.79
N ARG B 98 -11.12 22.66 29.95
CA ARG B 98 -10.40 22.85 31.22
C ARG B 98 -9.62 21.60 31.66
N LEU B 99 -10.22 20.43 31.45
CA LEU B 99 -9.56 19.17 31.77
C LEU B 99 -8.24 19.01 31.03
N VAL B 100 -8.16 19.59 29.83
CA VAL B 100 -6.94 19.52 29.03
C VAL B 100 -5.84 20.43 29.61
N GLU B 101 -6.18 21.69 29.85
CA GLU B 101 -5.23 22.70 30.34
C GLU B 101 -4.53 22.30 31.63
N GLN B 102 -5.27 21.71 32.56
CA GLN B 102 -4.74 21.37 33.89
C GLN B 102 -4.14 19.96 34.06
N THR B 103 -4.33 19.08 33.08
CA THR B 103 -3.77 17.73 33.14
C THR B 103 -2.49 17.68 32.35
N GLU B 104 -1.53 16.88 32.82
CA GLU B 104 -0.28 16.72 32.09
C GLU B 104 -0.31 15.44 31.26
N ALA B 105 0.07 15.55 29.98
CA ALA B 105 -0.07 14.44 29.04
C ALA B 105 0.99 14.36 27.95
N ASP B 106 1.17 13.15 27.42
CA ASP B 106 1.97 12.92 26.21
C ASP B 106 1.07 12.88 24.97
N VAL B 107 -0.16 12.38 25.16
CA VAL B 107 -1.13 12.19 24.08
C VAL B 107 -2.52 12.61 24.51
N VAL B 108 -3.17 13.44 23.70
CA VAL B 108 -4.56 13.81 23.92
C VAL B 108 -5.38 13.26 22.76
N LEU B 109 -6.32 12.39 23.08
CA LEU B 109 -7.23 11.81 22.10
C LEU B 109 -8.57 12.55 22.06
N ASN B 110 -8.75 13.38 21.04
CA ASN B 110 -10.00 14.12 20.90
C ASN B 110 -11.02 13.32 20.13
N ALA B 111 -11.89 12.64 20.87
CA ALA B 111 -12.95 11.83 20.26
C ALA B 111 -14.33 12.45 20.45
N LEU B 112 -14.37 13.78 20.50
CA LEU B 112 -15.63 14.50 20.60
C LEU B 112 -16.30 14.58 19.25
N VAL B 113 -17.55 15.02 19.23
CA VAL B 113 -18.24 15.19 17.96
C VAL B 113 -18.69 16.66 17.76
N GLY B 114 -18.47 17.17 16.56
CA GLY B 114 -18.85 18.54 16.18
C GLY B 114 -17.80 19.60 16.43
N ALA B 115 -18.09 20.82 15.96
CA ALA B 115 -17.24 22.00 16.17
C ALA B 115 -17.00 22.35 17.65
N LEU B 116 -17.83 21.81 18.53
CA LEU B 116 -17.64 21.95 19.97
C LEU B 116 -16.31 21.34 20.46
N GLY B 117 -15.68 20.52 19.62
CA GLY B 117 -14.36 19.95 19.95
C GLY B 117 -13.20 20.91 19.73
N LEU B 118 -13.51 22.08 19.18
CA LEU B 118 -12.50 23.05 18.74
C LEU B 118 -11.63 23.66 19.83
N ARG B 119 -12.23 24.05 20.95
CA ARG B 119 -11.46 24.63 22.06
C ARG B 119 -10.49 23.60 22.67
N PRO B 120 -10.97 22.36 22.93
CA PRO B 120 -10.04 21.36 23.49
C PRO B 120 -9.00 20.90 22.49
N THR B 121 -9.33 20.98 21.19
CA THR B 121 -8.36 20.75 20.13
C THR B 121 -7.27 21.79 20.30
N LEU B 122 -7.68 23.06 20.34
CA LEU B 122 -6.77 24.20 20.47
C LEU B 122 -5.94 24.20 21.75
N ALA B 123 -6.54 23.73 22.85
CA ALA B 123 -5.82 23.64 24.14
C ALA B 123 -4.81 22.49 24.11
N ALA B 124 -5.24 21.36 23.57
CA ALA B 124 -4.38 20.19 23.39
C ALA B 124 -3.07 20.56 22.69
N LEU B 125 -3.20 21.33 21.62
CA LEU B 125 -2.04 21.76 20.86
C LEU B 125 -1.09 22.69 21.63
N LYS B 126 -1.62 23.51 22.53
CA LYS B 126 -0.76 24.43 23.29
C LYS B 126 0.07 23.67 24.33
N THR B 127 -0.50 22.61 24.89
CA THR B 127 0.20 21.81 25.88
C THR B 127 1.42 21.09 25.28
N GLY B 128 1.52 21.10 23.95
CA GLY B 128 2.66 20.48 23.25
C GLY B 128 2.69 18.96 23.22
N ALA B 129 1.63 18.33 23.71
CA ALA B 129 1.46 16.88 23.59
C ALA B 129 1.01 16.48 22.17
N ARG B 130 1.09 15.19 21.83
CA ARG B 130 0.46 14.69 20.60
C ARG B 130 -1.07 14.75 20.68
N LEU B 131 -1.70 15.26 19.63
CA LEU B 131 -3.14 15.21 19.51
C LEU B 131 -3.53 14.10 18.54
N ALA B 132 -4.04 12.99 19.07
CA ALA B 132 -4.68 11.94 18.28
C ALA B 132 -6.09 12.40 17.93
N LEU B 133 -6.26 12.87 16.70
CA LEU B 133 -7.50 13.54 16.32
C LEU B 133 -8.55 12.64 15.67
N ALA B 134 -9.63 12.36 16.42
CA ALA B 134 -10.81 11.69 15.87
C ALA B 134 -11.84 12.75 15.44
N ASN B 135 -11.89 13.83 16.24
CA ASN B 135 -12.80 14.94 16.02
C ASN B 135 -12.43 15.77 14.80
N LYS B 136 -12.81 15.28 13.63
CA LYS B 136 -12.48 15.93 12.37
C LYS B 136 -13.10 17.32 12.26
N GLU B 137 -14.24 17.50 12.91
CA GLU B 137 -14.95 18.79 12.87
C GLU B 137 -14.13 19.93 13.49
N SER B 138 -13.28 19.61 14.45
CA SER B 138 -12.43 20.65 15.04
C SER B 138 -11.44 21.22 14.02
N LEU B 139 -10.82 20.34 13.23
CA LEU B 139 -9.86 20.75 12.23
C LEU B 139 -10.58 21.43 11.08
N VAL B 140 -11.74 20.89 10.72
CA VAL B 140 -12.55 21.43 9.64
C VAL B 140 -13.02 22.89 9.90
N ALA B 141 -13.43 23.15 11.14
CA ALA B 141 -13.88 24.48 11.54
C ALA B 141 -12.65 25.34 11.79
N GLY B 142 -11.74 24.82 12.62
CA GLY B 142 -10.45 25.44 12.92
C GLY B 142 -9.65 26.00 11.76
N GLY B 143 -9.49 25.22 10.70
CA GLY B 143 -8.72 25.67 9.52
C GLY B 143 -7.30 26.10 9.88
N SER B 144 -6.81 27.11 9.15
CA SER B 144 -5.45 27.64 9.33
C SER B 144 -5.11 27.97 10.78
N LEU B 145 -6.12 28.29 11.57
CA LEU B 145 -5.94 28.56 12.99
C LEU B 145 -5.38 27.34 13.76
N VAL B 146 -6.00 26.18 13.56
CA VAL B 146 -5.52 24.97 14.24
C VAL B 146 -4.12 24.57 13.71
N LEU B 147 -3.92 24.70 12.39
CA LEU B 147 -2.62 24.38 11.78
C LEU B 147 -1.50 25.20 12.40
N ARG B 148 -1.74 26.51 12.55
CA ARG B 148 -0.78 27.44 13.15
C ARG B 148 -0.47 27.07 14.59
N ALA B 149 -1.40 26.37 15.23
CA ALA B 149 -1.21 25.97 16.61
C ALA B 149 -0.43 24.65 16.76
N ALA B 150 -0.05 24.01 15.65
CA ALA B 150 0.62 22.69 15.65
C ALA B 150 2.05 22.70 15.15
N ARG B 151 2.85 21.75 15.64
CA ARG B 151 4.21 21.44 15.12
C ARG B 151 4.14 20.24 14.18
N PRO B 152 5.04 20.18 13.17
CA PRO B 152 4.99 19.10 12.15
C PRO B 152 4.86 17.72 12.79
N GLY B 153 3.86 16.96 12.37
CA GLY B 153 3.58 15.64 12.95
C GLY B 153 3.03 15.59 14.39
N GLN B 154 2.59 16.73 14.95
CA GLN B 154 1.98 16.76 16.29
C GLN B 154 0.53 16.26 16.26
N ILE B 155 -0.20 16.61 15.19
CA ILE B 155 -1.53 16.08 14.94
C ILE B 155 -1.41 14.76 14.18
N VAL B 156 -1.81 13.68 14.84
CA VAL B 156 -1.84 12.38 14.20
C VAL B 156 -3.31 11.98 14.07
N PRO B 157 -3.75 11.68 12.84
CA PRO B 157 -5.17 11.38 12.60
C PRO B 157 -5.57 10.00 13.12
N VAL B 158 -6.79 9.90 13.64
CA VAL B 158 -7.36 8.62 14.06
C VAL B 158 -8.35 8.12 12.99
N ASP B 159 -8.90 9.05 12.22
CA ASP B 159 -9.83 8.72 11.15
C ASP B 159 -9.20 7.68 10.24
N SER B 160 -9.91 6.58 9.99
CA SER B 160 -9.32 5.44 9.30
C SER B 160 -8.71 5.77 7.91
N GLU B 161 -9.32 6.72 7.19
CA GLU B 161 -8.82 7.14 5.87
C GLU B 161 -7.52 7.93 5.99
N HIS B 162 -7.45 8.79 6.99
CA HIS B 162 -6.33 9.68 7.16
C HIS B 162 -5.16 8.93 7.80
N SER B 163 -5.48 7.96 8.64
CA SER B 163 -4.47 7.04 9.16
C SER B 163 -3.92 6.22 8.02
N ALA B 164 -4.81 5.70 7.16
CA ALA B 164 -4.34 4.95 6.00
C ALA B 164 -3.42 5.83 5.13
N LEU B 165 -3.86 7.03 4.79
CA LEU B 165 -3.04 7.96 4.01
C LEU B 165 -1.65 8.20 4.62
N ALA B 166 -1.60 8.37 5.94
CA ALA B 166 -0.36 8.65 6.64
C ALA B 166 0.62 7.50 6.50
N GLN B 167 0.13 6.27 6.56
CA GLN B 167 0.94 5.07 6.35
C GLN B 167 1.43 4.92 4.90
N CYS B 168 0.55 5.24 3.95
CA CYS B 168 0.89 5.15 2.54
C CYS B 168 1.89 6.23 2.09
N LEU B 169 1.91 7.37 2.78
CA LEU B 169 2.82 8.46 2.42
C LEU B 169 4.29 8.19 2.79
N ARG B 170 4.53 7.21 3.66
CA ARG B 170 5.89 6.73 3.90
C ARG B 170 6.46 6.10 2.63
N GLY B 171 5.61 5.89 1.62
CA GLY B 171 6.00 5.25 0.35
C GLY B 171 6.75 6.10 -0.70
N GLY B 172 6.97 7.38 -0.39
CA GLY B 172 7.70 8.30 -1.28
C GLY B 172 8.06 9.61 -0.57
N THR B 173 8.54 10.59 -1.35
CA THR B 173 8.81 11.94 -0.85
C THR B 173 7.67 12.85 -1.28
N PRO B 174 7.42 13.95 -0.56
CA PRO B 174 6.27 14.83 -0.81
C PRO B 174 6.04 15.21 -2.28
N ASP B 175 7.12 15.43 -3.02
CA ASP B 175 7.05 15.82 -4.44
C ASP B 175 6.75 14.63 -5.36
N GLU B 176 6.78 13.41 -4.83
CA GLU B 176 6.47 12.24 -5.63
C GLU B 176 4.99 11.92 -5.59
N VAL B 177 4.27 12.64 -4.72
CA VAL B 177 2.83 12.44 -4.57
C VAL B 177 2.10 13.06 -5.78
N ALA B 178 1.35 12.23 -6.52
CA ALA B 178 0.44 12.76 -7.56
C ALA B 178 -0.99 13.01 -7.02
N LYS B 179 -1.57 12.02 -6.37
CA LYS B 179 -2.98 12.07 -5.90
C LYS B 179 -3.12 11.38 -4.55
N LEU B 180 -4.02 11.88 -3.72
CA LEU B 180 -4.49 11.15 -2.55
C LEU B 180 -5.88 10.64 -2.86
N VAL B 181 -6.12 9.36 -2.59
CA VAL B 181 -7.35 8.72 -3.02
C VAL B 181 -8.12 8.25 -1.82
N LEU B 182 -9.25 8.90 -1.55
CA LEU B 182 -10.09 8.56 -0.44
C LEU B 182 -11.09 7.48 -0.84
N THR B 183 -11.15 6.41 -0.07
CA THR B 183 -12.27 5.48 -0.23
C THR B 183 -13.47 5.96 0.59
N ALA B 184 -14.65 5.50 0.20
CA ALA B 184 -15.92 5.83 0.87
C ALA B 184 -16.78 4.59 0.75
N SER B 185 -17.56 4.30 1.79
CA SER B 185 -18.44 3.13 1.80
C SER B 185 -19.60 3.32 0.83
N GLY B 186 -20.00 4.58 0.66
CA GLY B 186 -21.16 4.90 -0.14
C GLY B 186 -22.40 5.09 0.72
N GLY B 187 -22.31 4.67 2.00
CA GLY B 187 -23.44 4.71 2.91
C GLY B 187 -24.54 3.70 2.53
N PRO B 188 -25.65 3.70 3.28
CA PRO B 188 -26.76 2.76 2.98
C PRO B 188 -27.56 3.11 1.71
N PHE B 189 -27.36 4.32 1.16
CA PHE B 189 -28.12 4.78 0.00
C PHE B 189 -27.30 4.82 -1.27
N ARG B 190 -26.17 4.11 -1.21
CA ARG B 190 -25.34 3.83 -2.36
C ARG B 190 -26.21 3.21 -3.48
N GLY B 191 -26.14 3.79 -4.67
CA GLY B 191 -26.95 3.32 -5.77
C GLY B 191 -28.33 3.95 -5.90
N TRP B 192 -28.80 4.64 -4.87
CA TRP B 192 -30.18 5.20 -4.89
C TRP B 192 -30.31 6.41 -5.84
N SER B 193 -31.51 6.60 -6.39
CA SER B 193 -31.79 7.79 -7.21
C SER B 193 -32.03 8.99 -6.30
N ALA B 194 -31.77 10.21 -6.81
CA ALA B 194 -32.24 11.46 -6.17
C ALA B 194 -33.70 11.36 -5.70
N ALA B 195 -34.57 10.80 -6.54
CA ALA B 195 -35.98 10.63 -6.17
C ALA B 195 -36.17 9.63 -5.03
N ASP B 196 -35.30 8.61 -4.93
CA ASP B 196 -35.30 7.64 -3.83
C ASP B 196 -34.96 8.34 -2.51
N LEU B 197 -34.09 9.34 -2.59
CA LEU B 197 -33.60 10.06 -1.39
C LEU B 197 -34.69 10.87 -0.68
N GLU B 198 -35.67 11.36 -1.44
CA GLU B 198 -36.82 12.11 -0.88
C GLU B 198 -37.47 11.37 0.29
N HIS B 199 -37.47 10.05 0.22
CA HIS B 199 -38.27 9.22 1.11
C HIS B 199 -37.48 8.74 2.34
N VAL B 200 -36.20 9.09 2.39
CA VAL B 200 -35.31 8.61 3.45
C VAL B 200 -35.78 9.09 4.84
N THR B 201 -35.81 8.17 5.79
CA THR B 201 -36.21 8.44 7.17
C THR B 201 -34.99 8.50 8.09
N PRO B 202 -35.11 9.12 9.29
CA PRO B 202 -34.05 9.01 10.29
C PRO B 202 -33.69 7.56 10.63
N GLU B 203 -34.66 6.66 10.54
CA GLU B 203 -34.45 5.24 10.85
C GLU B 203 -33.50 4.60 9.84
N GLN B 204 -33.78 4.80 8.54
CA GLN B 204 -32.95 4.23 7.48
C GLN B 204 -31.52 4.79 7.48
N ALA B 205 -31.38 6.03 7.93
CA ALA B 205 -30.09 6.72 7.98
C ALA B 205 -29.36 6.56 9.32
N GLY B 206 -29.83 5.62 10.15
CA GLY B 206 -29.25 5.43 11.48
C GLY B 206 -28.70 4.02 11.68
N PRO B 215 -24.52 8.81 16.09
CA PRO B 215 -25.80 9.02 15.41
C PRO B 215 -25.68 10.08 14.30
N MET B 216 -25.22 11.27 14.66
CA MET B 216 -24.90 12.33 13.71
C MET B 216 -23.78 11.86 12.78
N ASN B 217 -22.96 10.94 13.27
CA ASN B 217 -21.88 10.40 12.47
C ASN B 217 -22.39 9.42 11.43
N THR B 218 -23.39 8.62 11.78
CA THR B 218 -24.03 7.71 10.83
C THR B 218 -24.80 8.49 9.73
N LEU B 219 -25.41 9.59 10.13
CA LEU B 219 -26.16 10.43 9.20
C LEU B 219 -25.18 11.08 8.20
N ASN B 220 -24.08 11.62 8.72
CA ASN B 220 -23.10 12.24 7.85
C ASN B 220 -22.52 11.25 6.81
N SER B 221 -22.36 10.00 7.21
CA SER B 221 -21.98 8.92 6.30
C SER B 221 -23.02 8.69 5.21
N ALA B 222 -24.28 8.62 5.65
CA ALA B 222 -25.38 8.35 4.76
C ALA B 222 -25.53 9.49 3.78
N SER B 223 -25.32 10.71 4.25
CA SER B 223 -25.51 11.90 3.42
C SER B 223 -24.29 12.22 2.59
N LEU B 224 -23.18 11.54 2.92
CA LEU B 224 -21.86 11.79 2.32
C LEU B 224 -21.28 13.12 2.75
N VAL B 225 -21.99 13.85 3.61
CA VAL B 225 -21.37 15.00 4.27
C VAL B 225 -20.11 14.57 5.00
N ASN B 226 -20.11 13.38 5.59
CA ASN B 226 -18.89 12.90 6.23
C ASN B 226 -17.69 12.91 5.28
N LYS B 227 -17.86 12.34 4.09
CA LYS B 227 -16.77 12.29 3.13
C LYS B 227 -16.28 13.70 2.75
N GLY B 228 -17.22 14.64 2.61
CA GLY B 228 -16.90 16.02 2.32
C GLY B 228 -15.96 16.55 3.40
N LEU B 229 -16.31 16.26 4.66
CA LEU B 229 -15.52 16.68 5.81
C LEU B 229 -14.13 16.12 5.67
N GLU B 230 -14.06 14.85 5.26
CA GLU B 230 -12.81 14.09 5.11
C GLU B 230 -11.92 14.61 3.99
N VAL B 231 -12.52 15.07 2.90
CA VAL B 231 -11.79 15.75 1.81
C VAL B 231 -11.12 17.00 2.37
N ILE B 232 -11.87 17.81 3.12
CA ILE B 232 -11.30 19.00 3.76
C ILE B 232 -10.19 18.63 4.74
N GLU B 233 -10.42 17.58 5.50
CA GLU B 233 -9.44 17.15 6.50
C GLU B 233 -8.16 16.64 5.80
N THR B 234 -8.30 16.05 4.62
CA THR B 234 -7.12 15.61 3.86
C THR B 234 -6.27 16.80 3.42
N HIS B 235 -6.93 17.81 2.88
CA HIS B 235 -6.22 19.02 2.44
C HIS B 235 -5.45 19.64 3.58
N LEU B 236 -6.12 19.83 4.72
CA LEU B 236 -5.47 20.45 5.87
C LEU B 236 -4.31 19.64 6.44
N LEU B 237 -4.51 18.33 6.61
CA LEU B 237 -3.51 17.45 7.23
C LEU B 237 -2.26 17.26 6.39
N PHE B 238 -2.42 17.19 5.07
CA PHE B 238 -1.38 16.71 4.19
C PHE B 238 -0.86 17.75 3.21
N GLY B 239 -1.61 18.83 3.01
CA GLY B 239 -1.18 19.97 2.20
C GLY B 239 -1.26 19.72 0.72
N ILE B 240 -2.23 18.92 0.30
CA ILE B 240 -2.41 18.52 -1.10
C ILE B 240 -3.59 19.31 -1.67
N PRO B 241 -3.42 19.87 -2.88
CA PRO B 241 -4.53 20.60 -3.54
C PRO B 241 -5.80 19.78 -3.67
N TYR B 242 -6.95 20.47 -3.62
CA TYR B 242 -8.25 19.82 -3.69
C TYR B 242 -8.49 19.08 -4.98
N ASP B 243 -7.92 19.60 -6.08
CA ASP B 243 -8.04 18.93 -7.37
C ASP B 243 -7.19 17.64 -7.50
N ARG B 244 -6.34 17.37 -6.49
CA ARG B 244 -5.59 16.11 -6.45
C ARG B 244 -6.05 15.23 -5.26
N ILE B 245 -7.31 15.42 -4.86
CA ILE B 245 -7.88 14.57 -3.82
C ILE B 245 -9.08 13.89 -4.42
N ASP B 246 -8.95 12.59 -4.67
CA ASP B 246 -10.02 11.84 -5.29
C ASP B 246 -10.84 11.15 -4.22
N VAL B 247 -12.07 10.82 -4.57
CA VAL B 247 -12.90 9.97 -3.75
C VAL B 247 -13.40 8.80 -4.60
N VAL B 248 -13.36 7.60 -4.06
CA VAL B 248 -13.82 6.41 -4.78
C VAL B 248 -14.68 5.62 -3.82
N VAL B 249 -15.82 5.13 -4.30
CA VAL B 249 -16.66 4.27 -3.47
C VAL B 249 -16.11 2.85 -3.50
N HIS B 250 -15.89 2.30 -2.31
CA HIS B 250 -15.37 0.94 -2.08
C HIS B 250 -16.27 0.36 -1.00
N PRO B 251 -17.32 -0.40 -1.40
CA PRO B 251 -18.33 -0.75 -0.41
C PRO B 251 -17.89 -1.73 0.67
N GLN B 252 -16.81 -2.46 0.45
CA GLN B 252 -16.31 -3.33 1.51
C GLN B 252 -15.57 -2.57 2.62
N SER B 253 -15.13 -1.35 2.35
CA SER B 253 -14.36 -0.61 3.35
C SER B 253 -13.12 -1.35 3.92
N ILE B 254 -12.52 -2.25 3.14
CA ILE B 254 -11.31 -2.94 3.53
C ILE B 254 -10.07 -2.08 3.17
N ILE B 255 -10.03 -1.58 1.94
CA ILE B 255 -9.07 -0.56 1.57
C ILE B 255 -9.50 0.76 2.19
N HIS B 256 -8.67 1.31 3.07
CA HIS B 256 -9.07 2.51 3.81
C HIS B 256 -8.72 3.83 3.16
N SER B 257 -7.86 3.78 2.15
CA SER B 257 -7.40 4.92 1.34
C SER B 257 -6.10 4.52 0.65
N MET B 258 -5.69 5.30 -0.36
CA MET B 258 -4.51 5.01 -1.19
C MET B 258 -3.78 6.29 -1.59
N VAL B 259 -2.48 6.19 -1.87
CA VAL B 259 -1.72 7.26 -2.49
C VAL B 259 -1.16 6.84 -3.86
N THR B 260 -1.43 7.65 -4.88
CA THR B 260 -0.85 7.46 -6.22
C THR B 260 0.33 8.40 -6.37
N PHE B 261 1.47 7.84 -6.78
CA PHE B 261 2.73 8.56 -6.95
C PHE B 261 2.97 8.88 -8.41
N ILE B 262 3.94 9.77 -8.67
CA ILE B 262 4.22 10.32 -10.01
C ILE B 262 4.57 9.32 -11.10
N ASP B 263 5.15 8.18 -10.72
CA ASP B 263 5.53 7.16 -11.68
C ASP B 263 4.37 6.24 -12.08
N GLY B 264 3.18 6.49 -11.54
CA GLY B 264 2.06 5.58 -11.81
C GLY B 264 1.80 4.52 -10.73
N SER B 265 2.66 4.45 -9.73
CA SER B 265 2.49 3.52 -8.60
C SER B 265 1.44 3.98 -7.60
N THR B 266 0.67 3.05 -7.07
CA THR B 266 -0.31 3.37 -6.03
C THR B 266 0.01 2.49 -4.86
N ILE B 267 0.10 3.10 -3.68
CA ILE B 267 0.28 2.39 -2.42
C ILE B 267 -1.01 2.50 -1.59
N ALA B 268 -1.54 1.35 -1.16
CA ALA B 268 -2.81 1.30 -0.43
C ALA B 268 -2.67 0.60 0.93
N GLN B 269 -3.54 0.99 1.86
CA GLN B 269 -3.64 0.35 3.16
C GLN B 269 -4.98 -0.40 3.29
N ALA B 270 -4.90 -1.67 3.70
CA ALA B 270 -6.07 -2.54 3.86
C ALA B 270 -6.11 -3.28 5.21
N SER B 271 -7.31 -3.36 5.80
CA SER B 271 -7.60 -4.23 6.95
C SER B 271 -9.13 -4.37 7.02
N PRO B 272 -9.62 -5.48 7.62
CA PRO B 272 -11.07 -5.58 7.90
C PRO B 272 -11.42 -4.38 8.79
N PRO B 273 -12.59 -3.76 8.55
CA PRO B 273 -12.82 -2.50 9.25
C PRO B 273 -12.88 -2.67 10.75
N ASP B 274 -12.10 -1.85 11.45
CA ASP B 274 -11.89 -1.92 12.90
C ASP B 274 -11.11 -0.70 13.38
N MET B 275 -11.80 0.24 14.02
CA MET B 275 -11.17 1.50 14.46
C MET B 275 -9.96 1.34 15.40
N LYS B 276 -9.78 0.18 16.01
CA LYS B 276 -8.68 -0.06 16.93
C LYS B 276 -7.32 0.02 16.25
N LEU B 277 -7.26 -0.32 14.98
CA LEU B 277 -6.00 -0.22 14.25
C LEU B 277 -5.55 1.23 14.13
N PRO B 278 -6.38 2.09 13.52
CA PRO B 278 -5.99 3.52 13.47
C PRO B 278 -5.87 4.19 14.85
N ILE B 279 -6.67 3.78 15.83
CA ILE B 279 -6.54 4.32 17.19
C ILE B 279 -5.17 3.97 17.74
N SER B 280 -4.79 2.70 17.61
CA SER B 280 -3.53 2.24 18.14
C SER B 280 -2.35 2.97 17.52
N LEU B 281 -2.42 3.18 16.21
CA LEU B 281 -1.31 3.78 15.51
C LEU B 281 -1.15 5.22 15.95
N ALA B 282 -2.26 5.92 16.17
CA ALA B 282 -2.21 7.32 16.56
C ALA B 282 -1.68 7.51 17.97
N LEU B 283 -2.04 6.61 18.89
CA LEU B 283 -1.55 6.74 20.27
C LEU B 283 -0.04 6.47 20.33
N GLY B 284 0.42 5.37 19.72
CA GLY B 284 1.84 5.00 19.74
C GLY B 284 2.72 5.46 18.58
N TRP B 285 2.26 6.45 17.82
CA TRP B 285 2.97 6.90 16.61
C TRP B 285 4.42 7.29 16.92
N PRO B 286 5.38 6.80 16.13
CA PRO B 286 5.28 6.01 14.90
C PRO B 286 5.39 4.48 15.09
N ARG B 287 5.35 4.01 16.33
CA ARG B 287 5.43 2.59 16.59
C ARG B 287 4.08 1.90 16.40
N ARG B 288 4.11 0.73 15.79
CA ARG B 288 2.92 -0.09 15.56
C ARG B 288 2.62 -0.88 16.83
N VAL B 289 1.34 -1.03 17.18
CA VAL B 289 0.93 -1.79 18.36
C VAL B 289 0.57 -3.22 17.96
N SER B 290 1.43 -4.17 18.30
CA SER B 290 1.18 -5.59 18.04
C SER B 290 -0.22 -6.05 18.46
N GLY B 291 -0.91 -6.76 17.58
CA GLY B 291 -2.24 -7.34 17.85
C GLY B 291 -3.41 -6.36 17.83
N ALA B 292 -3.19 -5.11 17.46
CA ALA B 292 -4.27 -4.13 17.57
C ALA B 292 -5.56 -4.60 16.92
N ALA B 293 -5.44 -5.18 15.74
CA ALA B 293 -6.62 -5.64 15.01
C ALA B 293 -6.25 -6.80 14.12
N ALA B 294 -7.28 -7.45 13.60
CA ALA B 294 -7.11 -8.63 12.77
C ALA B 294 -6.66 -8.20 11.37
N ALA B 295 -5.79 -9.02 10.77
CA ALA B 295 -5.34 -8.82 9.41
C ALA B 295 -6.33 -9.36 8.37
N CYS B 296 -6.27 -8.84 7.16
CA CYS B 296 -6.98 -9.50 6.05
C CYS B 296 -6.59 -10.97 5.97
N ASP B 297 -7.57 -11.83 5.68
CA ASP B 297 -7.29 -13.24 5.45
C ASP B 297 -7.13 -13.51 3.97
N PHE B 298 -5.87 -13.60 3.52
CA PHE B 298 -5.60 -14.01 2.14
C PHE B 298 -5.65 -15.52 1.86
N HIS B 299 -6.06 -16.32 2.83
CA HIS B 299 -6.39 -17.74 2.54
C HIS B 299 -7.87 -18.04 2.31
N THR B 300 -8.70 -16.99 2.32
CA THR B 300 -10.13 -17.10 2.04
C THR B 300 -10.49 -16.12 0.90
N ALA B 301 -11.11 -16.64 -0.15
CA ALA B 301 -11.44 -15.88 -1.35
C ALA B 301 -12.24 -14.62 -1.00
N SER B 302 -11.93 -13.50 -1.65
CA SER B 302 -12.61 -12.25 -1.38
C SER B 302 -12.59 -11.37 -2.64
N SER B 303 -13.36 -10.28 -2.63
CA SER B 303 -13.25 -9.27 -3.68
C SER B 303 -13.42 -7.87 -3.15
N TRP B 304 -12.72 -6.94 -3.78
CA TRP B 304 -12.73 -5.55 -3.35
C TRP B 304 -13.26 -4.76 -4.53
N GLU B 305 -14.41 -4.12 -4.35
CA GLU B 305 -15.04 -3.44 -5.47
C GLU B 305 -14.79 -1.95 -5.40
N PHE B 306 -14.76 -1.33 -6.58
CA PHE B 306 -14.68 0.12 -6.68
C PHE B 306 -15.70 0.62 -7.67
N GLU B 307 -16.36 1.72 -7.31
CA GLU B 307 -17.26 2.40 -8.22
C GLU B 307 -17.12 3.90 -8.07
N PRO B 308 -17.43 4.66 -9.12
CA PRO B 308 -17.41 6.12 -8.93
C PRO B 308 -18.56 6.57 -8.02
N LEU B 309 -18.31 7.64 -7.28
CA LEU B 309 -19.34 8.28 -6.50
C LEU B 309 -20.26 9.05 -7.46
N ASP B 310 -21.57 8.91 -7.25
CA ASP B 310 -22.57 9.61 -8.05
C ASP B 310 -22.72 11.04 -7.53
N THR B 311 -22.08 11.99 -8.18
CA THR B 311 -22.02 13.36 -7.66
C THR B 311 -23.29 14.15 -8.00
N ASP B 312 -24.04 13.70 -9.01
CA ASP B 312 -25.37 14.25 -9.30
C ASP B 312 -26.31 14.05 -8.11
N VAL B 313 -26.33 12.84 -7.58
CA VAL B 313 -27.20 12.43 -6.48
C VAL B 313 -26.63 12.79 -5.08
N PHE B 314 -25.30 12.78 -4.93
CA PHE B 314 -24.71 13.08 -3.62
C PHE B 314 -23.78 14.28 -3.73
N PRO B 315 -24.34 15.50 -3.76
CA PRO B 315 -23.51 16.69 -4.04
C PRO B 315 -22.64 17.18 -2.88
N ALA B 316 -22.74 16.54 -1.72
CA ALA B 316 -22.03 17.01 -0.51
C ALA B 316 -20.50 17.12 -0.64
N VAL B 317 -19.89 16.19 -1.38
CA VAL B 317 -18.44 16.18 -1.55
C VAL B 317 -17.98 17.37 -2.41
N GLU B 318 -18.57 17.55 -3.59
CA GLU B 318 -18.24 18.71 -4.43
C GLU B 318 -18.42 20.02 -3.65
N LEU B 319 -19.49 20.09 -2.87
CA LEU B 319 -19.76 21.26 -2.05
C LEU B 319 -18.65 21.55 -1.05
N ALA B 320 -18.13 20.50 -0.43
CA ALA B 320 -16.99 20.63 0.49
C ALA B 320 -15.71 21.14 -0.21
N ARG B 321 -15.46 20.65 -1.43
CA ARG B 321 -14.32 21.13 -2.23
C ARG B 321 -14.49 22.62 -2.47
N GLN B 322 -15.68 23.00 -2.93
CA GLN B 322 -16.02 24.40 -3.19
C GLN B 322 -15.82 25.24 -1.93
N ALA B 323 -16.32 24.75 -0.80
CA ALA B 323 -15.99 25.36 0.50
C ALA B 323 -14.50 25.44 0.76
N GLY B 324 -13.77 24.38 0.41
CA GLY B 324 -12.35 24.30 0.74
C GLY B 324 -11.49 25.24 -0.07
N VAL B 325 -11.72 25.29 -1.37
CA VAL B 325 -11.03 26.20 -2.29
C VAL B 325 -11.21 27.66 -1.87
N ALA B 326 -12.46 28.02 -1.58
CA ALA B 326 -12.79 29.33 -1.05
C ALA B 326 -12.03 29.59 0.26
N GLY B 327 -11.91 28.56 1.09
CA GLY B 327 -11.07 28.62 2.29
C GLY B 327 -11.44 29.65 3.35
N GLY B 328 -10.49 29.91 4.26
CA GLY B 328 -10.70 30.86 5.35
C GLY B 328 -11.58 30.28 6.44
N CYS B 329 -12.76 30.86 6.58
CA CYS B 329 -13.74 30.38 7.54
C CYS B 329 -14.86 29.60 6.86
N MET B 330 -14.75 29.41 5.54
CA MET B 330 -15.80 28.77 4.74
C MET B 330 -16.05 27.29 5.06
N THR B 331 -15.03 26.63 5.59
CA THR B 331 -15.19 25.23 5.94
C THR B 331 -15.89 25.12 7.29
N ALA B 332 -15.69 26.13 8.15
CA ALA B 332 -16.52 26.31 9.35
C ALA B 332 -18.02 26.44 9.00
N VAL B 333 -18.31 27.29 8.03
CA VAL B 333 -19.68 27.52 7.55
C VAL B 333 -20.28 26.20 7.02
N TYR B 334 -19.47 25.43 6.29
CA TYR B 334 -19.92 24.14 5.71
C TYR B 334 -20.38 23.22 6.83
N ASN B 335 -19.50 23.06 7.79
CA ASN B 335 -19.75 22.19 8.89
C ASN B 335 -20.90 22.66 9.79
N ALA B 336 -20.88 23.94 10.15
CA ALA B 336 -21.93 24.47 11.01
C ALA B 336 -23.32 24.32 10.38
N ALA B 337 -23.43 24.63 9.09
CA ALA B 337 -24.68 24.43 8.34
C ALA B 337 -25.17 23.00 8.41
N ASN B 338 -24.21 22.06 8.38
CA ASN B 338 -24.54 20.68 8.45
C ASN B 338 -25.07 20.27 9.80
N GLU B 339 -24.36 20.64 10.86
CA GLU B 339 -24.78 20.26 12.21
C GLU B 339 -26.23 20.69 12.45
N GLU B 340 -26.56 21.87 11.94
CA GLU B 340 -27.88 22.47 12.05
C GLU B 340 -28.91 21.76 11.15
N ALA B 341 -28.57 21.59 9.86
CA ALA B 341 -29.47 20.91 8.93
C ALA B 341 -29.65 19.42 9.26
N ALA B 342 -28.58 18.77 9.70
CA ALA B 342 -28.61 17.35 10.04
C ALA B 342 -29.49 17.06 11.24
N ALA B 343 -29.31 17.82 12.31
CA ALA B 343 -30.19 17.71 13.48
C ALA B 343 -31.65 17.96 13.11
N ALA B 344 -31.89 19.00 12.32
CA ALA B 344 -33.22 19.32 11.84
C ALA B 344 -33.86 18.18 11.02
N PHE B 345 -33.06 17.43 10.26
CA PHE B 345 -33.59 16.22 9.62
C PHE B 345 -33.93 15.17 10.67
N LEU B 346 -33.05 15.00 11.64
CA LEU B 346 -33.30 14.04 12.72
C LEU B 346 -34.57 14.33 13.52
N ALA B 347 -34.97 15.59 13.61
CA ALA B 347 -36.20 15.98 14.33
C ALA B 347 -37.43 16.03 13.43
N GLY B 348 -37.29 15.49 12.22
CA GLY B 348 -38.40 15.40 11.27
C GLY B 348 -38.78 16.72 10.63
N ARG B 349 -37.98 17.75 10.89
CA ARG B 349 -38.30 19.10 10.44
C ARG B 349 -38.02 19.35 8.96
N ILE B 350 -37.21 18.49 8.33
CA ILE B 350 -36.88 18.65 6.90
C ILE B 350 -36.70 17.27 6.29
N GLY B 351 -36.82 17.19 4.95
CA GLY B 351 -36.45 15.97 4.22
C GLY B 351 -34.93 15.75 4.10
N PHE B 352 -34.55 14.50 3.84
CA PHE B 352 -33.14 14.12 3.67
C PHE B 352 -32.36 14.95 2.63
N PRO B 353 -32.85 15.06 1.37
CA PRO B 353 -32.09 15.87 0.40
C PRO B 353 -31.90 17.34 0.80
N ALA B 354 -32.74 17.83 1.71
CA ALA B 354 -32.66 19.21 2.16
C ALA B 354 -31.45 19.49 3.07
N ILE B 355 -30.85 18.45 3.65
CA ILE B 355 -29.63 18.65 4.46
C ILE B 355 -28.56 19.39 3.64
N VAL B 356 -28.24 18.85 2.47
CA VAL B 356 -27.19 19.39 1.60
C VAL B 356 -27.71 20.61 0.79
N GLY B 357 -29.00 20.60 0.44
CA GLY B 357 -29.63 21.76 -0.19
C GLY B 357 -29.43 23.00 0.68
N ILE B 358 -29.62 22.82 1.98
CA ILE B 358 -29.45 23.89 2.96
C ILE B 358 -27.98 24.25 3.17
N ILE B 359 -27.09 23.26 3.16
CA ILE B 359 -25.68 23.56 3.23
C ILE B 359 -25.31 24.48 2.07
N ALA B 360 -25.82 24.17 0.87
CA ALA B 360 -25.44 24.91 -0.34
C ALA B 360 -25.99 26.32 -0.31
N ASP B 361 -27.24 26.46 0.10
CA ASP B 361 -27.86 27.78 0.19
C ASP B 361 -27.08 28.66 1.13
N VAL B 362 -26.73 28.11 2.30
CA VAL B 362 -25.97 28.87 3.27
C VAL B 362 -24.60 29.27 2.71
N LEU B 363 -23.92 28.33 2.08
CA LEU B 363 -22.61 28.55 1.51
C LEU B 363 -22.65 29.64 0.44
N HIS B 364 -23.69 29.59 -0.40
CA HIS B 364 -23.93 30.53 -1.51
C HIS B 364 -24.03 31.98 -1.03
N ALA B 365 -24.40 32.16 0.24
CA ALA B 365 -24.65 33.49 0.84
C ALA B 365 -23.52 33.94 1.75
N ALA B 366 -22.44 33.16 1.82
CA ALA B 366 -21.42 33.37 2.84
C ALA B 366 -20.12 34.00 2.34
N ASP B 367 -20.19 34.67 1.19
CA ASP B 367 -19.02 35.27 0.52
C ASP B 367 -18.07 36.00 1.48
N GLN B 368 -18.65 36.61 2.51
CA GLN B 368 -17.91 37.38 3.51
C GLN B 368 -16.95 36.56 4.36
N TRP B 369 -17.19 35.27 4.51
CA TRP B 369 -16.38 34.47 5.43
C TRP B 369 -15.14 33.84 4.80
N ALA B 370 -14.88 34.22 3.56
CA ALA B 370 -13.68 33.78 2.84
C ALA B 370 -12.42 34.57 3.26
N VAL B 371 -12.44 35.15 4.47
CA VAL B 371 -11.24 35.76 5.03
C VAL B 371 -10.63 34.81 6.07
N GLU B 372 -9.30 34.84 6.21
CA GLU B 372 -8.58 33.96 7.15
C GLU B 372 -8.91 34.25 8.60
N PRO B 373 -9.30 33.21 9.37
CA PRO B 373 -9.58 33.38 10.80
C PRO B 373 -8.33 33.83 11.57
N ALA B 374 -8.35 35.07 12.05
CA ALA B 374 -7.23 35.57 12.86
C ALA B 374 -7.33 35.08 14.30
N THR B 375 -8.55 34.85 14.77
CA THR B 375 -8.80 34.49 16.17
C THR B 375 -9.86 33.39 16.30
N VAL B 376 -9.89 32.73 17.47
CA VAL B 376 -10.91 31.72 17.78
C VAL B 376 -12.32 32.26 17.56
N ASP B 377 -12.51 33.53 17.93
CA ASP B 377 -13.79 34.20 17.83
C ASP B 377 -14.21 34.51 16.39
N ASP B 378 -13.24 34.65 15.49
CA ASP B 378 -13.56 34.74 14.05
C ASP B 378 -14.33 33.49 13.57
N VAL B 379 -13.90 32.33 14.06
CA VAL B 379 -14.51 31.05 13.72
C VAL B 379 -15.88 30.91 14.38
N LEU B 380 -15.96 31.24 15.68
CA LEU B 380 -17.21 31.19 16.43
C LEU B 380 -18.27 32.10 15.81
N ASP B 381 -17.85 33.27 15.33
CA ASP B 381 -18.73 34.20 14.60
C ASP B 381 -19.29 33.56 13.34
N ALA B 382 -18.40 32.96 12.52
CA ALA B 382 -18.81 32.29 11.29
C ALA B 382 -19.81 31.16 11.58
N GLN B 383 -19.56 30.38 12.65
CA GLN B 383 -20.46 29.26 13.01
C GLN B 383 -21.83 29.74 13.47
N ARG B 384 -21.84 30.77 14.32
CA ARG B 384 -23.07 31.45 14.74
C ARG B 384 -23.83 31.94 13.50
N TRP B 385 -23.14 32.69 12.65
CA TRP B 385 -23.75 33.14 11.38
C TRP B 385 -24.42 31.99 10.60
N ALA B 386 -23.72 30.87 10.47
CA ALA B 386 -24.18 29.76 9.65
C ALA B 386 -25.32 29.00 10.31
N ARG B 387 -25.22 28.78 11.63
CA ARG B 387 -26.31 28.15 12.39
C ARG B 387 -27.62 28.90 12.20
N GLU B 388 -27.55 30.22 12.32
CA GLU B 388 -28.73 31.06 12.27
C GLU B 388 -29.24 31.15 10.84
N ARG B 389 -28.32 31.11 9.87
CA ARG B 389 -28.72 31.09 8.48
C ARG B 389 -29.43 29.77 8.12
N ALA B 390 -28.94 28.67 8.70
CA ALA B 390 -29.49 27.36 8.42
C ALA B 390 -30.84 27.22 9.10
N GLN B 391 -30.94 27.73 10.33
CA GLN B 391 -32.17 27.72 11.12
C GLN B 391 -33.31 28.41 10.37
N ARG B 392 -33.00 29.54 9.73
CA ARG B 392 -34.01 30.27 8.99
C ARG B 392 -34.51 29.51 7.75
N ALA B 393 -33.62 28.81 7.06
CA ALA B 393 -34.04 27.99 5.92
C ALA B 393 -34.85 26.78 6.38
N VAL B 394 -34.53 26.23 7.55
CA VAL B 394 -35.37 25.20 8.16
C VAL B 394 -36.79 25.74 8.44
N SER B 395 -36.86 26.95 9.00
CA SER B 395 -38.14 27.62 9.20
C SER B 395 -38.83 27.92 7.87
N GLY B 396 -38.06 28.47 6.91
CA GLY B 396 -38.61 28.76 5.58
C GLY B 396 -38.51 27.56 4.64
MN MN C . 7.28 -11.60 -11.15
C7 FM6 D . 1.97 -12.93 -15.00
C8 FM6 D . 1.04 -12.09 -15.58
CL1 FM6 D . 0.22 -12.61 -17.03
C9 FM6 D . 0.79 -10.85 -14.97
CL2 FM6 D . -0.36 -9.77 -15.64
C10 FM6 D . 1.45 -10.46 -13.79
C11 FM6 D . 2.38 -11.30 -13.23
C6 FM6 D . 2.63 -12.52 -13.85
C4 FM6 D . 3.68 -13.42 -13.25
PA1 FM6 D . 2.84 -14.83 -12.46
OP1 FM6 D . 3.91 -15.84 -12.09
OP3 FM6 D . 2.15 -14.31 -11.25
OP2 FM6 D . 1.85 -15.52 -13.38
C3 FM6 D . 4.72 -13.78 -14.35
C2 FM6 D . 5.55 -12.59 -14.93
N1 FM6 D . 6.15 -11.85 -13.81
O2 FM6 D . 6.93 -12.59 -13.00
C1 FM6 D . 5.96 -10.56 -13.52
O1 FM6 D . 6.50 -10.07 -12.54
C12 FM6 D . 5.11 -9.64 -14.46
C17 FM6 D . 5.34 -9.63 -15.85
C16 FM6 D . 4.60 -8.81 -16.71
C15 FM6 D . 3.64 -7.94 -16.21
C14 FM6 D . 3.40 -7.93 -14.83
C13 FM6 D . 4.14 -8.75 -13.96
PA NDP E . 13.37 -12.72 -23.02
O1A NDP E . 12.30 -11.77 -23.53
O2A NDP E . 13.43 -14.16 -23.46
O5B NDP E . 14.84 -12.13 -23.32
C5B NDP E . 16.05 -12.87 -23.12
C4B NDP E . 17.24 -11.95 -23.39
O4B NDP E . 18.45 -12.64 -23.07
C3B NDP E . 17.39 -11.60 -24.88
O3B NDP E . 18.01 -10.31 -24.99
C2B NDP E . 18.31 -12.69 -25.42
O2B NDP E . 18.99 -12.39 -26.64
C1B NDP E . 19.27 -12.77 -24.24
N9A NDP E . 19.94 -14.07 -24.23
C8A NDP E . 19.37 -15.26 -24.49
N7A NDP E . 20.30 -16.26 -24.39
C5A NDP E . 21.46 -15.67 -24.05
C6A NDP E . 22.85 -16.11 -23.77
N6A NDP E . 23.18 -17.40 -23.86
N1A NDP E . 23.75 -15.17 -23.45
C2A NDP E . 23.47 -13.86 -23.39
N3A NDP E . 22.23 -13.39 -23.64
C4A NDP E . 21.21 -14.23 -23.95
O3 NDP E . 13.35 -12.73 -21.40
PN NDP E . 12.59 -11.64 -20.48
O1N NDP E . 11.09 -11.94 -20.55
O2N NDP E . 13.12 -10.26 -20.78
O5D NDP E . 13.06 -12.05 -18.99
C5D NDP E . 14.37 -11.78 -18.44
C4D NDP E . 14.41 -12.11 -16.94
O4D NDP E . 13.56 -11.23 -16.20
C3D NDP E . 13.94 -13.53 -16.62
O3D NDP E . 14.72 -14.07 -15.55
C2D NDP E . 12.50 -13.35 -16.16
O2D NDP E . 12.05 -14.34 -15.24
C1D NDP E . 12.53 -11.98 -15.51
N1N NDP E . 11.22 -11.34 -15.53
C2N NDP E . 10.59 -11.08 -16.69
C3N NDP E . 9.37 -10.39 -16.71
C7N NDP E . 8.74 -9.91 -18.02
O7N NDP E . 7.72 -9.21 -17.97
N7N NDP E . 9.27 -10.25 -19.19
C4N NDP E . 8.66 -10.17 -15.39
C5N NDP E . 9.60 -10.15 -14.27
C6N NDP E . 10.75 -10.93 -14.34
P2B NDP E . 18.45 -12.91 -28.07
O1X NDP E . 18.17 -11.65 -28.83
O2X NDP E . 19.56 -13.77 -28.60
O3X NDP E . 17.18 -13.68 -27.80
MN MN F . -13.48 8.24 8.25
C7 FM6 G . -18.46 3.67 7.10
C8 FM6 G . -18.45 2.28 7.28
CL1 FM6 G . -19.93 1.42 7.62
C9 FM6 G . -17.20 1.61 7.16
CL2 FM6 G . -17.10 -0.11 7.37
C10 FM6 G . -16.04 2.31 6.88
C11 FM6 G . -16.06 3.69 6.70
C6 FM6 G . -17.28 4.36 6.81
C4 FM6 G . -17.24 5.87 6.66
PA1 FM6 G . -17.97 6.52 5.12
OP1 FM6 G . -18.10 8.02 5.21
OP3 FM6 G . -17.05 6.16 3.98
OP2 FM6 G . -19.35 5.94 4.84
C3 FM6 G . -17.83 6.47 7.94
C2 FM6 G . -17.06 6.03 9.21
N1 FM6 G . -15.68 6.52 9.11
O2 FM6 G . -15.54 7.80 8.71
C1 FM6 G . -14.57 5.80 9.38
O1 FM6 G . -13.44 6.31 9.27
C12 FM6 G . -14.74 4.31 9.87
C17 FM6 G . -13.99 3.26 9.29
C16 FM6 G . -14.13 1.93 9.73
C15 FM6 G . -15.00 1.59 10.77
C14 FM6 G . -15.73 2.62 11.36
C13 FM6 G . -15.61 3.96 10.92
PA NDP H . -20.06 9.29 19.81
O1A NDP H . -20.14 7.79 19.96
O2A NDP H . -21.32 10.08 19.53
O5B NDP H . -19.40 9.88 21.16
C5B NDP H . -19.37 11.30 21.38
C4B NDP H . -18.74 11.59 22.74
O4B NDP H . -18.79 12.99 23.04
C3B NDP H . -19.46 10.86 23.87
O3B NDP H . -18.45 10.42 24.79
C2B NDP H . -20.35 11.94 24.47
O2B NDP H . -20.68 11.72 25.84
C1B NDP H . -19.48 13.17 24.28
N9A NDP H . -20.25 14.43 24.24
C8A NDP H . -21.46 14.65 23.68
N7A NDP H . -21.83 15.95 23.81
C5A NDP H . -20.82 16.58 24.47
C6A NDP H . -20.53 17.96 24.95
N6A NDP H . -21.42 18.97 24.75
N1A NDP H . -19.36 18.19 25.59
C2A NDP H . -18.45 17.20 25.81
N3A NDP H . -18.65 15.94 25.40
C4A NDP H . -19.78 15.57 24.74
O3 NDP H . -18.96 9.67 18.67
PN NDP H . -17.64 8.80 18.27
O1N NDP H . -18.09 7.65 17.41
O2N NDP H . -16.80 8.53 19.51
O5D NDP H . -16.82 9.80 17.28
C5D NDP H . -16.23 11.04 17.67
C4D NDP H . -15.42 11.64 16.53
O4D NDP H . -14.79 10.62 15.75
C3D NDP H . -16.29 12.46 15.58
O3D NDP H . -15.69 13.73 15.34
C2D NDP H . -16.33 11.66 14.29
O2D NDP H . -16.36 12.53 13.16
C1D NDP H . -15.05 10.84 14.36
N1N NDP H . -15.13 9.58 13.61
C2N NDP H . -15.94 8.57 14.02
C3N NDP H . -15.69 7.24 13.67
C7N NDP H . -16.40 6.10 14.39
O7N NDP H . -15.90 4.99 14.44
N7N NDP H . -17.58 6.30 14.98
C4N NDP H . -14.52 6.94 12.73
C5N NDP H . -13.69 8.11 12.48
C6N NDP H . -14.21 9.37 12.64
P2B NDP H . -22.17 11.25 26.26
O1X NDP H . -21.92 10.26 27.38
O2X NDP H . -22.86 12.52 26.70
O3X NDP H . -22.79 10.67 25.01
#